data_2HZY
#
_entry.id   2HZY
#
_cell.length_a   64.144
_cell.length_b   109.472
_cell.length_c   67.491
_cell.angle_alpha   90.00
_cell.angle_beta   102.35
_cell.angle_gamma   90.00
#
_symmetry.space_group_name_H-M   'P 1 21 1'
#
loop_
_entity.id
_entity.type
_entity.pdbx_description
1 polymer Fumarylacetoacetase
2 non-polymer 'SODIUM ION'
3 non-polymer 'MANGANESE (II) ION'
4 non-polymer 'CALCIUM ION'
5 non-polymer 'NICKEL (II) ION'
6 non-polymer '4-(2-CARBOXYETHYL)(HYDROXY)PHOSPHORYL]-3-OXOBUTANOIC ACID'
7 water water
#
_entity_poly.entity_id   1
_entity_poly.type   'polypeptide(L)'
_entity_poly.pdbx_seq_one_letter_code
;GSMSFIPVAEDSDFPIQNLPYGVFSTQSNPKPRIGVAIGDQILDLSVIKHLFTGPALSKHQHVFDETTLNNFMGLGQAAW
KEARASLQNLLSASQARLRDDKELRQRAFTSQASATMHLPATIGDYTDFYSSRQHATNVGIMFRGKENALLPNWLHLPVG
YHGRASSIVVSGTPIRRPMGQMRPDNSKPPVYGACRLLDMELEMAFFVGPGNRFGEPIPISKAHEHIFGMVLMNDWSARD
IQQWEYVPLGPFLGKSFGTTISPWVVPMDALMPFVVPNPKQDPKPLPYLCHSQPYTFDINLSVSLKGEGMSQAATICRSN
FKHMYWTMLQQLTHHSVNGCNLRPGDLLASGTISGSDPESFGSMLELSWKGTKAIDVGQGQTRTFLLDGDEVIITGHCQG
DGYRVGFGQCAGKVLPALSPA
;
_entity_poly.pdbx_strand_id   A,B
#
loop_
_chem_comp.id
_chem_comp.type
_chem_comp.name
_chem_comp.formula
CA non-polymer 'CALCIUM ION' 'Ca 2'
DHJ non-polymer '4-(2-CARBOXYETHYL)(HYDROXY)PHOSPHORYL]-3-OXOBUTANOIC ACID' 'C7 H11 O7 P'
MN non-polymer 'MANGANESE (II) ION' 'Mn 2'
NA non-polymer 'SODIUM ION' 'Na 1'
NI non-polymer 'NICKEL (II) ION' 'Ni 2'
#
# COMPACT_ATOMS: atom_id res chain seq x y z
N MET A 3 -21.26 -10.28 35.38
CA MET A 3 -19.85 -10.34 34.90
C MET A 3 -19.27 -8.96 34.55
N SER A 4 -20.08 -7.91 34.65
CA SER A 4 -19.55 -6.56 34.50
C SER A 4 -20.18 -5.66 35.55
N PHE A 5 -19.34 -4.99 36.32
CA PHE A 5 -19.88 -3.99 37.25
C PHE A 5 -20.38 -2.73 36.51
N ILE A 6 -20.01 -2.57 35.23
CA ILE A 6 -20.50 -1.49 34.39
C ILE A 6 -21.80 -2.01 33.79
N PRO A 7 -22.92 -1.31 34.00
CA PRO A 7 -24.20 -1.82 33.48
C PRO A 7 -24.15 -1.77 31.95
N VAL A 8 -24.83 -2.73 31.33
CA VAL A 8 -24.90 -2.77 29.87
C VAL A 8 -26.35 -2.94 29.44
N ALA A 9 -26.87 -1.96 28.68
CA ALA A 9 -28.26 -2.03 28.22
C ALA A 9 -28.44 -3.16 27.22
N GLU A 10 -29.67 -3.64 27.11
CA GLU A 10 -29.97 -4.74 26.21
C GLU A 10 -29.67 -4.36 24.74
N ASP A 11 -29.82 -3.08 24.42
CA ASP A 11 -29.57 -2.65 23.04
C ASP A 11 -28.07 -2.38 22.75
N SER A 12 -27.18 -2.69 23.72
CA SER A 12 -25.78 -2.30 23.55
C SER A 12 -25.04 -3.20 22.57
N ASP A 13 -24.22 -2.59 21.72
CA ASP A 13 -23.25 -3.37 20.93
C ASP A 13 -22.08 -3.94 21.75
N PHE A 14 -21.99 -3.49 23.01
CA PHE A 14 -20.77 -3.66 23.78
C PHE A 14 -21.00 -4.36 25.11
N PRO A 15 -21.60 -5.55 25.12
CA PRO A 15 -21.72 -6.30 26.38
C PRO A 15 -20.37 -6.89 26.76
N ILE A 16 -20.38 -7.57 27.91
CA ILE A 16 -19.17 -8.14 28.40
C ILE A 16 -18.57 -9.17 27.42
N GLN A 17 -19.41 -9.77 26.57
CA GLN A 17 -18.91 -10.78 25.64
C GLN A 17 -18.15 -10.19 24.44
N ASN A 18 -18.20 -8.86 24.26
CA ASN A 18 -17.51 -8.22 23.13
C ASN A 18 -16.09 -7.79 23.52
N LEU A 19 -15.98 -6.61 24.15
CA LEU A 19 -14.71 -6.01 24.56
C LEU A 19 -13.78 -5.74 23.37
N PRO A 20 -14.24 -4.86 22.49
CA PRO A 20 -13.42 -4.51 21.33
C PRO A 20 -12.39 -3.44 21.74
N TYR A 21 -11.36 -3.29 20.90
CA TYR A 21 -10.26 -2.31 21.11
C TYR A 21 -10.38 -1.16 20.15
N GLY A 22 -10.18 0.06 20.63
CA GLY A 22 -10.20 1.21 19.73
C GLY A 22 -9.28 2.30 20.23
N VAL A 23 -9.14 3.33 19.40
CA VAL A 23 -8.33 4.50 19.70
C VAL A 23 -9.28 5.69 19.78
N PHE A 24 -9.21 6.44 20.88
CA PHE A 24 -10.14 7.53 21.17
C PHE A 24 -9.46 8.73 21.79
N SER A 25 -10.17 9.84 21.80
CA SER A 25 -9.71 11.04 22.52
C SER A 25 -10.96 11.76 23.05
N THR A 26 -10.73 12.75 23.92
CA THR A 26 -11.81 13.55 24.52
C THR A 26 -11.43 15.05 24.43
N GLN A 27 -12.37 15.94 24.72
CA GLN A 27 -12.09 17.39 24.79
C GLN A 27 -10.99 17.73 25.81
N SER A 28 -11.04 17.05 26.95
CA SER A 28 -10.13 17.27 28.07
C SER A 28 -8.74 16.79 27.76
N ASN A 29 -8.63 15.67 27.05
CA ASN A 29 -7.34 15.12 26.66
C ASN A 29 -7.34 14.70 25.19
N PRO A 30 -6.82 15.54 24.30
CA PRO A 30 -6.89 15.28 22.86
C PRO A 30 -5.94 14.20 22.34
N LYS A 31 -5.09 13.63 23.19
CA LYS A 31 -4.13 12.65 22.70
C LYS A 31 -4.86 11.32 22.43
N PRO A 32 -4.74 10.79 21.21
CA PRO A 32 -5.36 9.49 20.91
C PRO A 32 -4.74 8.43 21.78
N ARG A 33 -5.57 7.54 22.28
CA ARG A 33 -5.15 6.52 23.21
C ARG A 33 -6.08 5.34 23.14
N ILE A 34 -5.61 4.22 23.67
CA ILE A 34 -6.32 2.94 23.52
C ILE A 34 -7.37 2.71 24.57
N GLY A 35 -8.57 2.35 24.15
CA GLY A 35 -9.63 1.97 25.03
C GLY A 35 -10.37 0.70 24.63
N VAL A 36 -11.22 0.27 25.54
CA VAL A 36 -12.08 -0.89 25.32
C VAL A 36 -13.52 -0.48 25.63
N ALA A 37 -14.42 -0.74 24.68
CA ALA A 37 -15.83 -0.40 24.86
C ALA A 37 -16.53 -1.40 25.77
N ILE A 38 -17.29 -0.86 26.73
CA ILE A 38 -18.14 -1.70 27.60
C ILE A 38 -19.40 -0.91 27.93
N GLY A 39 -20.57 -1.44 27.60
CA GLY A 39 -21.80 -0.67 27.72
C GLY A 39 -21.67 0.60 26.90
N ASP A 40 -21.99 1.78 27.49
CA ASP A 40 -21.82 3.05 26.82
C ASP A 40 -20.55 3.77 27.26
N GLN A 41 -19.64 3.03 27.87
CA GLN A 41 -18.41 3.57 28.41
C GLN A 41 -17.22 3.11 27.61
N ILE A 42 -16.11 3.82 27.77
CA ILE A 42 -14.81 3.39 27.31
C ILE A 42 -13.92 3.24 28.52
N LEU A 43 -13.29 2.07 28.61
CA LEU A 43 -12.25 1.76 29.59
C LEU A 43 -10.90 2.11 28.98
N ASP A 44 -10.23 3.10 29.56
CA ASP A 44 -8.99 3.63 29.04
C ASP A 44 -7.79 2.76 29.45
N LEU A 45 -7.18 2.05 28.49
CA LEU A 45 -6.12 1.11 28.81
C LEU A 45 -4.79 1.77 29.19
N SER A 46 -4.56 3.00 28.76
CA SER A 46 -3.38 3.71 29.24
C SER A 46 -3.52 3.98 30.77
N VAL A 47 -4.74 4.27 31.23
CA VAL A 47 -4.99 4.51 32.67
C VAL A 47 -4.76 3.24 33.47
N ILE A 48 -5.24 2.10 32.97
CA ILE A 48 -5.15 0.85 33.71
C ILE A 48 -4.02 -0.06 33.28
N LYS A 49 -3.05 0.46 32.54
CA LYS A 49 -2.01 -0.41 32.03
C LYS A 49 -1.30 -1.27 33.06
N HIS A 50 -1.16 -0.76 34.29
CA HIS A 50 -0.44 -1.51 35.32
C HIS A 50 -1.17 -2.71 35.88
N LEU A 51 -2.44 -2.81 35.52
CA LEU A 51 -3.28 -3.91 35.97
C LEU A 51 -3.10 -5.15 35.11
N PHE A 52 -2.31 -5.04 34.05
CA PHE A 52 -1.99 -6.21 33.23
C PHE A 52 -0.68 -6.76 33.75
N THR A 53 -0.79 -7.68 34.70
CA THR A 53 0.37 -8.13 35.48
C THR A 53 0.80 -9.54 35.08
N GLY A 54 0.11 -10.14 34.14
CA GLY A 54 0.41 -11.49 33.71
C GLY A 54 1.71 -11.66 32.94
N PRO A 55 2.10 -12.89 32.67
CA PRO A 55 3.41 -13.15 32.03
C PRO A 55 3.61 -12.56 30.64
N ALA A 56 2.55 -12.48 29.82
CA ALA A 56 2.77 -11.98 28.47
C ALA A 56 2.80 -10.47 28.43
N LEU A 57 2.16 -9.81 29.38
CA LEU A 57 2.03 -8.37 29.29
C LEU A 57 2.83 -7.61 30.32
N SER A 58 3.25 -8.24 31.43
CA SER A 58 3.88 -7.50 32.52
C SER A 58 5.07 -6.63 32.10
N LYS A 59 5.84 -7.12 31.11
CA LYS A 59 6.98 -6.34 30.62
C LYS A 59 6.69 -5.52 29.37
N HIS A 60 5.41 -5.50 28.96
CA HIS A 60 5.00 -4.89 27.68
C HIS A 60 3.82 -3.98 27.85
N GLN A 61 3.65 -3.45 29.05
CA GLN A 61 2.51 -2.61 29.34
C GLN A 61 2.51 -1.35 28.48
N HIS A 62 3.68 -1.03 27.96
CA HIS A 62 3.84 0.19 27.16
C HIS A 62 3.01 0.14 25.86
N VAL A 63 2.62 -1.05 25.43
CA VAL A 63 1.77 -1.13 24.22
C VAL A 63 0.44 -0.44 24.47
N PHE A 64 -0.02 -0.34 25.71
CA PHE A 64 -1.26 0.30 26.03
C PHE A 64 -1.16 1.81 26.18
N ASP A 65 0.04 2.36 26.09
CA ASP A 65 0.29 3.81 26.10
C ASP A 65 0.42 4.39 24.69
N GLU A 66 0.38 3.53 23.66
CA GLU A 66 0.57 4.00 22.27
C GLU A 66 -0.65 4.71 21.70
N THR A 67 -0.42 5.48 20.64
CA THR A 67 -1.54 6.20 20.01
C THR A 67 -2.28 5.31 18.99
N THR A 68 -1.76 4.09 18.74
CA THR A 68 -2.40 3.11 17.84
C THR A 68 -2.30 1.71 18.41
N LEU A 69 -3.04 0.77 17.82
CA LEU A 69 -3.05 -0.60 18.30
C LEU A 69 -1.93 -1.45 17.74
N ASN A 70 -1.07 -0.92 16.87
CA ASN A 70 -0.11 -1.73 16.16
C ASN A 70 0.76 -2.58 17.07
N ASN A 71 1.33 -1.97 18.15
CA ASN A 71 2.25 -2.75 18.96
C ASN A 71 1.55 -3.86 19.74
N PHE A 72 0.33 -3.59 20.21
CA PHE A 72 -0.49 -4.64 20.87
C PHE A 72 -0.83 -5.75 19.85
N MET A 73 -1.22 -5.39 18.61
CA MET A 73 -1.46 -6.37 17.59
C MET A 73 -0.22 -7.23 17.37
N GLY A 74 0.93 -6.58 17.33
CA GLY A 74 2.14 -7.29 17.00
C GLY A 74 2.67 -8.23 18.11
N LEU A 75 2.13 -8.10 19.32
CA LEU A 75 2.56 -9.02 20.42
C LEU A 75 2.12 -10.45 20.22
N GLY A 76 1.00 -10.65 19.52
CA GLY A 76 0.55 -12.01 19.26
C GLY A 76 -0.45 -12.56 20.27
N GLN A 77 -0.88 -13.77 19.97
CA GLN A 77 -2.08 -14.33 20.60
C GLN A 77 -1.98 -14.56 22.08
N ALA A 78 -0.80 -14.90 22.58
CA ALA A 78 -0.71 -15.10 24.03
C ALA A 78 -1.00 -13.80 24.77
N ALA A 79 -0.48 -12.69 24.24
CA ALA A 79 -0.75 -11.40 24.81
C ALA A 79 -2.21 -10.98 24.66
N TRP A 80 -2.81 -11.26 23.50
CA TRP A 80 -4.22 -10.91 23.31
C TRP A 80 -5.10 -11.68 24.28
N LYS A 81 -4.82 -12.97 24.42
CA LYS A 81 -5.65 -13.79 25.31
C LYS A 81 -5.48 -13.35 26.77
N GLU A 82 -4.25 -13.01 27.17
CA GLU A 82 -4.04 -12.53 28.52
C GLU A 82 -4.75 -11.20 28.77
N ALA A 83 -4.69 -10.29 27.77
CA ALA A 83 -5.35 -8.99 27.93
C ALA A 83 -6.85 -9.21 28.13
N ARG A 84 -7.47 -10.07 27.30
CA ARG A 84 -8.90 -10.25 27.38
C ARG A 84 -9.28 -10.89 28.72
N ALA A 85 -8.51 -11.87 29.18
CA ALA A 85 -8.76 -12.49 30.48
C ALA A 85 -8.58 -11.48 31.61
N SER A 86 -7.56 -10.63 31.55
CA SER A 86 -7.41 -9.58 32.56
C SER A 86 -8.59 -8.64 32.59
N LEU A 87 -9.08 -8.22 31.41
CA LEU A 87 -10.24 -7.33 31.31
C LEU A 87 -11.48 -7.99 31.85
N GLN A 88 -11.72 -9.23 31.47
CA GLN A 88 -12.87 -10.00 32.00
C GLN A 88 -12.82 -10.07 33.52
N ASN A 89 -11.64 -10.33 34.09
CA ASN A 89 -11.51 -10.47 35.54
C ASN A 89 -11.61 -9.14 36.27
N LEU A 90 -11.22 -8.04 35.62
CA LEU A 90 -11.44 -6.74 36.23
C LEU A 90 -12.89 -6.30 36.16
N LEU A 91 -13.55 -6.56 35.04
CA LEU A 91 -14.95 -6.14 34.92
C LEU A 91 -15.88 -7.00 35.79
N SER A 92 -15.55 -8.26 36.02
CA SER A 92 -16.35 -9.07 36.96
C SER A 92 -16.02 -8.78 38.42
N ALA A 93 -14.92 -8.06 38.64
CA ALA A 93 -14.32 -7.79 39.95
C ALA A 93 -13.81 -9.05 40.68
N SER A 94 -13.60 -10.14 39.94
CA SER A 94 -12.80 -11.27 40.42
C SER A 94 -11.43 -10.73 40.86
N GLN A 95 -10.86 -9.82 40.06
CA GLN A 95 -9.73 -9.00 40.51
C GLN A 95 -10.33 -7.61 40.72
N ALA A 96 -10.56 -7.25 41.99
CA ALA A 96 -11.40 -6.10 42.33
C ALA A 96 -10.76 -4.73 42.29
N ARG A 97 -9.49 -4.64 41.86
CA ARG A 97 -8.78 -3.35 41.91
C ARG A 97 -9.51 -2.24 41.19
N LEU A 98 -9.99 -2.50 39.98
CA LEU A 98 -10.62 -1.46 39.20
C LEU A 98 -11.97 -1.05 39.78
N ARG A 99 -12.75 -2.01 40.24
CA ARG A 99 -14.07 -1.72 40.80
C ARG A 99 -13.93 -0.88 42.11
N ASP A 100 -12.93 -1.24 42.92
CA ASP A 100 -12.82 -0.72 44.30
C ASP A 100 -11.85 0.45 44.51
N ASP A 101 -10.95 0.69 43.57
CA ASP A 101 -10.07 1.86 43.66
C ASP A 101 -10.78 3.04 43.00
N LYS A 102 -11.48 3.84 43.81
CA LYS A 102 -12.38 4.84 43.24
C LYS A 102 -11.62 5.92 42.42
N GLU A 103 -10.43 6.28 42.90
CA GLU A 103 -9.61 7.30 42.25
C GLU A 103 -9.15 6.81 40.85
N LEU A 104 -8.76 5.54 40.77
CA LEU A 104 -8.40 4.95 39.48
C LEU A 104 -9.64 4.82 38.60
N ARG A 105 -10.70 4.28 39.18
CA ARG A 105 -11.96 4.05 38.49
C ARG A 105 -12.53 5.31 37.79
N GLN A 106 -12.51 6.45 38.48
CA GLN A 106 -13.11 7.65 37.90
C GLN A 106 -12.21 8.22 36.80
N ARG A 107 -10.94 7.84 36.79
CA ARG A 107 -10.03 8.26 35.71
C ARG A 107 -10.11 7.31 34.51
N ALA A 108 -10.55 6.08 34.76
CA ALA A 108 -10.43 5.01 33.77
C ALA A 108 -11.61 4.92 32.82
N PHE A 109 -12.81 5.24 33.30
CA PHE A 109 -14.02 5.15 32.49
C PHE A 109 -14.51 6.51 32.02
N THR A 110 -14.77 6.64 30.71
CA THR A 110 -15.32 7.84 30.10
C THR A 110 -16.49 7.47 29.17
N SER A 111 -17.43 8.40 28.95
CA SER A 111 -18.61 8.15 28.10
C SER A 111 -18.22 8.02 26.63
N GLN A 112 -18.76 7.01 25.93
CA GLN A 112 -18.55 6.93 24.48
C GLN A 112 -19.13 8.18 23.83
N ALA A 113 -20.27 8.63 24.34
CA ALA A 113 -20.98 9.75 23.74
C ALA A 113 -20.07 11.01 23.70
N SER A 114 -19.11 11.10 24.62
CA SER A 114 -18.28 12.30 24.73
C SER A 114 -16.91 12.11 24.09
N ALA A 115 -16.71 10.91 23.55
CA ALA A 115 -15.45 10.53 22.98
C ALA A 115 -15.42 10.71 21.46
N THR A 116 -14.24 10.95 20.94
CA THR A 116 -13.98 11.01 19.50
C THR A 116 -13.12 9.81 19.13
N MET A 117 -13.52 9.07 18.08
CA MET A 117 -12.79 7.86 17.69
C MET A 117 -11.81 8.14 16.55
N HIS A 118 -10.73 7.40 16.51
CA HIS A 118 -9.69 7.54 15.50
C HIS A 118 -9.46 6.20 14.80
N LEU A 119 -8.72 6.21 13.69
CA LEU A 119 -8.31 4.93 13.08
C LEU A 119 -7.61 4.07 14.11
N PRO A 120 -7.98 2.80 14.22
CA PRO A 120 -7.39 2.00 15.29
C PRO A 120 -5.93 1.63 15.09
N ALA A 121 -5.40 1.72 13.85
CA ALA A 121 -4.02 1.33 13.60
C ALA A 121 -3.43 2.16 12.48
N THR A 122 -2.11 2.28 12.47
CA THR A 122 -1.42 2.77 11.27
C THR A 122 -1.29 1.62 10.28
N ILE A 123 -2.06 1.72 9.21
CA ILE A 123 -2.20 0.58 8.27
C ILE A 123 -1.07 0.63 7.23
N GLY A 124 -0.08 -0.24 7.33
CA GLY A 124 1.04 -0.22 6.40
C GLY A 124 0.59 -0.63 5.01
N ASP A 125 -0.21 -1.69 4.90
CA ASP A 125 -0.69 -2.15 3.60
C ASP A 125 -2.11 -2.62 3.80
N TYR A 126 -2.93 -2.31 2.80
CA TYR A 126 -4.34 -2.73 2.73
C TYR A 126 -4.49 -3.54 1.49
N THR A 127 -5.17 -4.67 1.64
CA THR A 127 -5.54 -5.53 0.52
C THR A 127 -7.03 -5.75 0.51
N ASP A 128 -7.64 -5.75 -0.67
CA ASP A 128 -9.08 -6.04 -0.79
C ASP A 128 -9.20 -7.35 -1.57
N PHE A 129 -9.85 -8.33 -0.94
CA PHE A 129 -10.16 -9.60 -1.62
C PHE A 129 -11.48 -9.50 -2.37
N TYR A 130 -11.95 -10.63 -2.90
CA TYR A 130 -13.05 -10.66 -3.85
C TYR A 130 -13.81 -11.96 -3.60
N SER A 131 -14.03 -12.26 -2.31
CA SER A 131 -14.32 -13.65 -1.93
C SER A 131 -15.80 -14.05 -1.83
N SER A 132 -16.70 -13.17 -2.18
CA SER A 132 -18.13 -13.55 -2.23
C SER A 132 -18.46 -14.03 -3.61
N ARG A 133 -18.83 -15.31 -3.70
CA ARG A 133 -19.15 -15.88 -5.00
C ARG A 133 -20.29 -15.13 -5.68
N GLN A 134 -21.31 -14.72 -4.95
CA GLN A 134 -22.41 -14.03 -5.63
C GLN A 134 -21.99 -12.63 -6.09
N HIS A 135 -21.15 -11.94 -5.30
CA HIS A 135 -20.69 -10.66 -5.76
C HIS A 135 -19.88 -10.77 -7.03
N ALA A 136 -18.87 -11.65 -7.03
CA ALA A 136 -18.09 -11.86 -8.25
C ALA A 136 -18.93 -12.31 -9.45
N THR A 137 -19.90 -13.19 -9.19
CA THR A 137 -20.83 -13.66 -10.23
C THR A 137 -21.67 -12.50 -10.74
N ASN A 138 -22.13 -11.62 -9.88
CA ASN A 138 -22.96 -10.54 -10.33
C ASN A 138 -22.15 -9.57 -11.13
N VAL A 139 -20.99 -9.16 -10.66
CA VAL A 139 -20.15 -8.25 -11.41
C VAL A 139 -19.96 -8.94 -12.80
N GLY A 140 -19.66 -10.25 -12.78
CA GLY A 140 -19.49 -10.98 -14.02
C GLY A 140 -20.71 -10.97 -14.93
N ILE A 141 -21.88 -11.28 -14.39
CA ILE A 141 -23.10 -11.23 -15.22
C ILE A 141 -23.28 -9.86 -15.85
N MET A 142 -23.15 -8.80 -15.04
CA MET A 142 -23.33 -7.41 -15.52
C MET A 142 -22.33 -6.99 -16.58
N PHE A 143 -21.10 -7.48 -16.48
CA PHE A 143 -20.01 -6.94 -17.29
C PHE A 143 -19.58 -7.85 -18.47
N ARG A 144 -19.76 -9.16 -18.30
CA ARG A 144 -19.10 -10.10 -19.16
C ARG A 144 -20.16 -11.14 -19.63
N GLY A 145 -21.31 -11.18 -18.95
CA GLY A 145 -22.43 -12.03 -19.32
C GLY A 145 -22.51 -13.30 -18.51
N LYS A 146 -23.70 -13.90 -18.44
CA LYS A 146 -23.93 -15.08 -17.62
C LYS A 146 -22.92 -16.24 -17.82
N GLU A 147 -22.61 -16.58 -19.07
CA GLU A 147 -21.72 -17.74 -19.31
C GLU A 147 -20.26 -17.46 -18.90
N ASN A 148 -19.91 -16.20 -18.74
CA ASN A 148 -18.59 -15.81 -18.30
C ASN A 148 -18.54 -15.13 -16.89
N ALA A 149 -19.47 -15.50 -16.03
CA ALA A 149 -19.69 -14.74 -14.77
C ALA A 149 -18.41 -14.81 -13.93
N LEU A 150 -17.91 -16.02 -13.69
CA LEU A 150 -16.68 -16.18 -12.93
C LEU A 150 -15.55 -16.51 -13.86
N LEU A 151 -14.46 -15.82 -13.69
CA LEU A 151 -13.25 -16.07 -14.45
C LEU A 151 -12.58 -17.36 -13.96
N PRO A 152 -11.72 -17.97 -14.81
CA PRO A 152 -11.22 -19.31 -14.50
C PRO A 152 -10.43 -19.46 -13.22
N ASN A 153 -9.81 -18.40 -12.71
CA ASN A 153 -9.02 -18.55 -11.49
C ASN A 153 -9.80 -18.49 -10.16
N TRP A 154 -11.05 -18.02 -10.26
CA TRP A 154 -11.73 -17.58 -9.02
C TRP A 154 -11.94 -18.68 -7.97
N LEU A 155 -12.30 -19.90 -8.46
CA LEU A 155 -12.55 -20.99 -7.57
C LEU A 155 -11.28 -21.67 -7.12
N HIS A 156 -10.13 -21.19 -7.62
CA HIS A 156 -8.83 -21.81 -7.28
C HIS A 156 -7.95 -21.07 -6.30
N LEU A 157 -8.14 -19.73 -6.23
CA LEU A 157 -7.39 -18.95 -5.26
C LEU A 157 -8.26 -17.78 -4.86
N PRO A 158 -7.96 -17.24 -3.68
CA PRO A 158 -8.64 -16.00 -3.22
C PRO A 158 -8.05 -14.78 -3.92
N VAL A 159 -8.67 -14.43 -5.02
CA VAL A 159 -8.31 -13.26 -5.83
C VAL A 159 -8.39 -12.03 -4.92
N GLY A 160 -7.40 -11.16 -5.09
CA GLY A 160 -7.37 -9.88 -4.36
C GLY A 160 -6.49 -8.86 -5.05
N TYR A 161 -6.53 -7.61 -4.60
CA TYR A 161 -5.61 -6.58 -5.17
C TYR A 161 -5.16 -5.71 -4.02
N HIS A 162 -4.00 -5.07 -4.22
CA HIS A 162 -3.50 -4.11 -3.25
C HIS A 162 -4.38 -2.86 -3.31
N GLY A 163 -4.76 -2.33 -2.15
CA GLY A 163 -5.56 -1.11 -2.09
C GLY A 163 -4.67 0.03 -1.71
N ARG A 164 -5.33 1.17 -1.56
CA ARG A 164 -4.64 2.40 -1.13
C ARG A 164 -4.77 2.57 0.38
N ALA A 165 -3.64 2.54 1.11
CA ALA A 165 -3.77 2.64 2.59
C ALA A 165 -4.10 4.06 3.08
N SER A 166 -3.55 5.06 2.38
CA SER A 166 -3.63 6.44 2.89
C SER A 166 -5.07 6.97 3.03
N SER A 167 -5.96 6.49 2.17
CA SER A 167 -7.33 7.00 2.12
C SER A 167 -8.31 6.11 2.84
N ILE A 168 -7.82 5.21 3.70
CA ILE A 168 -8.68 4.54 4.71
C ILE A 168 -8.93 5.52 5.84
N VAL A 169 -10.20 5.83 6.09
CA VAL A 169 -10.59 6.84 7.04
C VAL A 169 -11.59 6.28 8.02
N VAL A 170 -11.66 6.86 9.21
CA VAL A 170 -12.50 6.31 10.26
C VAL A 170 -13.98 6.72 10.03
N SER A 171 -14.90 5.88 10.50
CA SER A 171 -16.32 6.17 10.43
C SER A 171 -16.65 7.61 10.73
N GLY A 172 -17.48 8.17 9.88
CA GLY A 172 -17.96 9.54 10.09
C GLY A 172 -17.24 10.55 9.22
N THR A 173 -16.16 10.15 8.55
CA THR A 173 -15.41 11.04 7.67
C THR A 173 -16.23 11.30 6.41
N PRO A 174 -16.49 12.56 6.07
CA PRO A 174 -17.16 12.84 4.77
C PRO A 174 -16.30 12.40 3.60
N ILE A 175 -16.96 11.95 2.56
CA ILE A 175 -16.30 11.46 1.34
C ILE A 175 -16.70 12.33 0.17
N ARG A 176 -15.73 13.02 -0.42
CA ARG A 176 -16.03 13.82 -1.59
C ARG A 176 -16.17 13.03 -2.86
N ARG A 177 -17.23 13.25 -3.62
CA ARG A 177 -17.40 12.64 -4.91
C ARG A 177 -16.17 12.98 -5.75
N PRO A 178 -15.51 11.95 -6.30
CA PRO A 178 -14.24 12.22 -6.99
C PRO A 178 -14.44 12.71 -8.42
N MET A 179 -13.55 13.58 -8.88
CA MET A 179 -13.32 13.83 -10.30
C MET A 179 -12.42 12.79 -10.92
N GLY A 180 -12.50 12.63 -12.21
CA GLY A 180 -11.60 11.73 -12.89
C GLY A 180 -11.96 11.62 -14.35
N GLN A 181 -11.38 10.64 -15.00
CA GLN A 181 -11.58 10.35 -16.40
C GLN A 181 -12.53 9.17 -16.55
N MET A 182 -13.43 9.25 -17.51
CA MET A 182 -14.36 8.17 -17.80
C MET A 182 -14.70 8.14 -19.28
N ARG A 183 -15.28 7.04 -19.71
CA ARG A 183 -15.62 6.95 -21.13
C ARG A 183 -17.06 6.47 -21.28
N PRO A 184 -17.99 7.42 -21.21
CA PRO A 184 -19.42 7.06 -21.30
C PRO A 184 -19.89 6.66 -22.69
N ASP A 185 -19.16 7.06 -23.71
CA ASP A 185 -19.51 6.71 -25.07
C ASP A 185 -18.30 6.01 -25.66
N ASN A 186 -18.39 4.71 -25.90
CA ASN A 186 -17.24 3.96 -26.43
C ASN A 186 -16.74 4.35 -27.80
N SER A 187 -17.51 5.16 -28.50
CA SER A 187 -17.05 5.55 -29.83
C SER A 187 -16.33 6.89 -29.81
N LYS A 188 -16.17 7.47 -28.63
CA LYS A 188 -15.60 8.81 -28.50
C LYS A 188 -14.46 8.79 -27.47
N PRO A 189 -13.61 9.80 -27.50
CA PRO A 189 -12.53 9.89 -26.52
C PRO A 189 -13.16 10.06 -25.12
N PRO A 190 -12.36 9.70 -24.12
CA PRO A 190 -12.82 9.84 -22.72
C PRO A 190 -12.94 11.32 -22.37
N VAL A 191 -13.64 11.54 -21.29
CA VAL A 191 -13.93 12.87 -20.79
C VAL A 191 -13.42 13.01 -19.35
N TYR A 192 -13.28 14.23 -18.88
CA TYR A 192 -12.95 14.54 -17.50
C TYR A 192 -14.18 15.13 -16.84
N GLY A 193 -14.52 14.69 -15.62
CA GLY A 193 -15.68 15.25 -14.94
C GLY A 193 -15.87 14.58 -13.61
N ALA A 194 -16.95 14.95 -12.93
CA ALA A 194 -17.33 14.31 -11.67
C ALA A 194 -17.82 12.91 -11.95
N CYS A 195 -17.42 11.96 -11.12
CA CYS A 195 -17.94 10.64 -11.25
C CYS A 195 -19.49 10.64 -11.23
N ARG A 196 -20.09 9.83 -12.08
CA ARG A 196 -21.56 9.75 -12.11
C ARG A 196 -22.11 8.53 -11.44
N LEU A 197 -21.27 7.51 -11.22
CA LEU A 197 -21.71 6.21 -10.67
C LEU A 197 -20.97 5.95 -9.37
N LEU A 198 -21.34 6.72 -8.36
CA LEU A 198 -20.68 6.60 -7.04
C LEU A 198 -21.37 5.54 -6.23
N ASP A 199 -20.60 4.64 -5.63
CA ASP A 199 -21.13 3.45 -5.03
C ASP A 199 -20.51 3.20 -3.66
N MET A 200 -21.21 2.36 -2.91
CA MET A 200 -20.69 1.78 -1.66
C MET A 200 -20.41 0.30 -1.88
N GLU A 201 -19.59 -0.27 -0.98
CA GLU A 201 -19.39 -1.72 -0.99
C GLU A 201 -19.36 -2.19 0.43
N LEU A 202 -20.28 -3.07 0.79
CA LEU A 202 -20.31 -3.69 2.09
C LEU A 202 -19.23 -4.70 2.26
N GLU A 203 -18.26 -4.49 3.14
CA GLU A 203 -17.19 -5.48 3.37
C GLU A 203 -16.94 -5.60 4.85
N MET A 204 -16.16 -6.60 5.23
CA MET A 204 -15.52 -6.65 6.53
C MET A 204 -14.05 -6.76 6.34
N ALA A 205 -13.28 -6.51 7.37
CA ALA A 205 -11.82 -6.61 7.24
C ALA A 205 -11.21 -7.04 8.53
N PHE A 206 -10.04 -7.67 8.45
CA PHE A 206 -9.30 -8.04 9.65
C PHE A 206 -7.95 -7.38 9.68
N PHE A 207 -7.47 -7.15 10.88
CA PHE A 207 -6.10 -6.67 11.14
C PHE A 207 -5.16 -7.81 11.39
N VAL A 208 -3.95 -7.71 10.86
CA VAL A 208 -2.89 -8.69 11.05
C VAL A 208 -2.21 -8.41 12.39
N GLY A 209 -1.91 -9.50 13.08
CA GLY A 209 -1.16 -9.48 14.32
C GLY A 209 0.34 -9.54 14.06
N PRO A 210 1.12 -10.53 14.57
CA PRO A 210 2.56 -10.53 14.31
C PRO A 210 2.86 -10.64 12.85
N GLY A 211 3.92 -10.04 12.41
CA GLY A 211 4.20 -10.34 11.01
C GLY A 211 4.56 -11.80 10.61
N ASN A 212 4.91 -11.92 9.34
CA ASN A 212 5.89 -12.90 8.97
C ASN A 212 7.13 -12.17 8.40
N ARG A 213 8.29 -12.79 8.53
CA ARG A 213 9.54 -12.21 7.94
C ARG A 213 9.49 -12.27 6.43
N PHE A 214 10.07 -11.26 5.82
CA PHE A 214 10.26 -11.23 4.38
C PHE A 214 10.87 -12.54 3.85
N GLY A 215 10.20 -13.18 2.92
CA GLY A 215 10.62 -14.46 2.35
C GLY A 215 10.11 -15.70 3.05
N GLU A 216 9.35 -15.53 4.13
CA GLU A 216 8.92 -16.73 4.94
C GLU A 216 7.39 -16.77 4.99
N PRO A 217 6.79 -17.65 4.20
CA PRO A 217 5.33 -17.85 4.16
C PRO A 217 4.76 -18.23 5.51
N ILE A 218 3.48 -17.90 5.70
CA ILE A 218 2.79 -18.33 6.93
C ILE A 218 2.01 -19.56 6.50
N PRO A 219 2.33 -20.74 7.06
CA PRO A 219 1.59 -21.94 6.72
C PRO A 219 0.17 -21.83 7.22
N ILE A 220 -0.75 -22.44 6.47
CA ILE A 220 -2.16 -22.34 6.88
C ILE A 220 -2.44 -22.81 8.29
N SER A 221 -1.70 -23.80 8.78
CA SER A 221 -1.80 -24.24 10.17
C SER A 221 -1.62 -23.12 11.20
N LYS A 222 -0.80 -22.12 10.84
CA LYS A 222 -0.52 -21.03 11.73
C LYS A 222 -1.31 -19.76 11.43
N ALA A 223 -2.09 -19.77 10.37
CA ALA A 223 -2.75 -18.52 9.94
C ALA A 223 -3.62 -17.92 11.05
N HIS A 224 -4.30 -18.78 11.85
CA HIS A 224 -5.18 -18.25 12.90
C HIS A 224 -4.45 -17.45 13.97
N GLU A 225 -3.13 -17.67 14.08
CA GLU A 225 -2.34 -16.95 15.05
C GLU A 225 -2.11 -15.49 14.67
N HIS A 226 -2.46 -15.12 13.44
CA HIS A 226 -2.11 -13.80 12.92
C HIS A 226 -3.34 -12.98 12.71
N ILE A 227 -4.54 -13.45 13.07
CA ILE A 227 -5.76 -12.67 12.84
C ILE A 227 -6.11 -11.99 14.14
N PHE A 228 -5.95 -10.67 14.25
CA PHE A 228 -6.20 -9.99 15.50
C PHE A 228 -7.70 -9.81 15.76
N GLY A 229 -8.43 -9.28 14.79
CA GLY A 229 -9.83 -8.96 14.97
C GLY A 229 -10.33 -8.23 13.77
N MET A 230 -11.60 -7.86 13.83
CA MET A 230 -12.34 -7.44 12.64
C MET A 230 -13.00 -6.05 12.81
N VAL A 231 -13.21 -5.39 11.67
CA VAL A 231 -13.97 -4.13 11.53
C VAL A 231 -14.91 -4.25 10.34
N LEU A 232 -15.89 -3.34 10.30
CA LEU A 232 -16.75 -3.12 9.12
C LEU A 232 -16.02 -2.22 8.16
N MET A 233 -16.26 -2.38 6.87
CA MET A 233 -15.65 -1.52 5.85
C MET A 233 -16.64 -1.14 4.76
N ASN A 234 -16.54 0.11 4.28
CA ASN A 234 -17.23 0.54 3.07
C ASN A 234 -16.17 0.90 2.05
N ASP A 235 -16.01 0.07 1.02
CA ASP A 235 -15.05 0.35 -0.04
C ASP A 235 -15.74 1.25 -1.08
N TRP A 236 -15.75 2.54 -0.82
CA TRP A 236 -16.39 3.45 -1.76
C TRP A 236 -15.76 3.26 -3.14
N SER A 237 -16.60 3.35 -4.16
CA SER A 237 -16.17 3.01 -5.53
C SER A 237 -16.77 4.01 -6.50
N ALA A 238 -16.02 4.37 -7.51
CA ALA A 238 -16.48 5.24 -8.60
C ALA A 238 -16.52 4.38 -9.85
N ARG A 239 -17.69 3.87 -10.18
CA ARG A 239 -17.75 2.73 -11.12
C ARG A 239 -17.39 3.12 -12.55
N ASP A 240 -17.70 4.33 -12.94
CA ASP A 240 -17.36 4.79 -14.29
C ASP A 240 -15.87 5.05 -14.47
N ILE A 241 -15.24 5.57 -13.43
CA ILE A 241 -13.78 5.73 -13.41
C ILE A 241 -13.14 4.34 -13.40
N GLN A 242 -13.65 3.45 -12.54
CA GLN A 242 -13.15 2.09 -12.45
C GLN A 242 -13.18 1.36 -13.78
N GLN A 243 -14.32 1.41 -14.44
CA GLN A 243 -14.45 0.60 -15.65
C GLN A 243 -13.48 1.03 -16.74
N TRP A 244 -13.26 2.33 -16.88
CA TRP A 244 -12.34 2.85 -17.87
C TRP A 244 -10.86 2.51 -17.57
N GLU A 245 -10.47 2.53 -16.29
CA GLU A 245 -9.07 2.43 -15.96
C GLU A 245 -8.58 1.03 -15.79
N TYR A 246 -9.44 0.04 -15.51
CA TYR A 246 -8.96 -1.12 -14.76
C TYR A 246 -8.29 -2.18 -15.59
N VAL A 247 -8.39 -2.12 -16.91
CA VAL A 247 -7.72 -3.17 -17.68
C VAL A 247 -6.38 -2.67 -18.15
N PRO A 248 -5.29 -3.42 -17.96
CA PRO A 248 -5.22 -4.74 -17.34
C PRO A 248 -4.70 -4.82 -15.94
N LEU A 249 -4.41 -3.69 -15.27
CA LEU A 249 -3.71 -3.71 -14.01
C LEU A 249 -4.57 -3.52 -12.75
N GLY A 250 -5.90 -3.44 -12.95
CA GLY A 250 -6.85 -3.57 -11.82
C GLY A 250 -7.42 -2.24 -11.34
N PRO A 251 -8.31 -2.27 -10.37
CA PRO A 251 -8.96 -1.02 -9.90
C PRO A 251 -7.92 -0.13 -9.23
N PHE A 252 -8.08 1.15 -9.41
CA PHE A 252 -7.02 2.10 -8.99
C PHE A 252 -7.72 3.34 -8.44
N LEU A 253 -7.86 4.39 -9.25
CA LEU A 253 -8.53 5.61 -8.77
C LEU A 253 -10.02 5.38 -8.52
N GLY A 254 -10.58 4.31 -9.09
CA GLY A 254 -11.98 4.03 -8.81
C GLY A 254 -12.23 3.58 -7.39
N LYS A 255 -11.16 3.26 -6.67
CA LYS A 255 -11.28 2.83 -5.28
C LYS A 255 -10.58 3.75 -4.31
N SER A 256 -9.54 4.48 -4.75
CA SER A 256 -8.57 5.05 -3.81
C SER A 256 -8.94 6.44 -3.25
N PHE A 257 -10.07 6.98 -3.66
CA PHE A 257 -10.51 8.28 -3.14
C PHE A 257 -11.06 8.16 -1.73
N GLY A 258 -11.36 6.95 -1.25
CA GLY A 258 -11.87 6.77 0.10
C GLY A 258 -12.31 5.35 0.36
N THR A 259 -12.00 4.89 1.57
CA THR A 259 -12.46 3.61 2.06
C THR A 259 -12.68 3.83 3.58
N THR A 260 -13.84 3.50 4.11
CA THR A 260 -14.15 3.82 5.51
C THR A 260 -14.12 2.52 6.32
N ILE A 261 -13.54 2.59 7.53
CA ILE A 261 -13.71 1.49 8.46
C ILE A 261 -14.34 1.95 9.76
N SER A 262 -15.01 1.04 10.40
CA SER A 262 -15.47 1.30 11.78
C SER A 262 -14.27 1.27 12.75
N PRO A 263 -14.40 2.03 13.85
CA PRO A 263 -13.25 2.15 14.76
C PRO A 263 -13.04 1.05 15.78
N TRP A 264 -14.06 0.33 16.18
CA TRP A 264 -13.93 -0.64 17.26
C TRP A 264 -13.47 -2.01 16.70
N VAL A 265 -12.28 -2.49 17.05
CA VAL A 265 -11.79 -3.76 16.51
C VAL A 265 -12.26 -4.89 17.40
N VAL A 266 -13.16 -5.73 16.85
CA VAL A 266 -13.73 -6.81 17.67
C VAL A 266 -12.73 -7.98 17.58
N PRO A 267 -12.21 -8.46 18.72
CA PRO A 267 -11.16 -9.51 18.65
C PRO A 267 -11.71 -10.84 18.21
N MET A 268 -10.86 -11.65 17.58
CA MET A 268 -11.35 -12.95 17.14
C MET A 268 -11.90 -13.84 18.23
N ASP A 269 -11.39 -13.71 19.45
CA ASP A 269 -11.93 -14.53 20.51
C ASP A 269 -13.37 -14.18 20.85
N ALA A 270 -13.79 -12.94 20.59
CA ALA A 270 -15.18 -12.54 20.78
C ALA A 270 -16.08 -13.14 19.71
N LEU A 271 -15.51 -13.45 18.55
CA LEU A 271 -16.31 -13.92 17.40
C LEU A 271 -16.36 -15.43 17.30
N MET A 272 -15.39 -16.10 17.92
CA MET A 272 -15.35 -17.56 17.87
C MET A 272 -16.66 -18.26 18.28
N PRO A 273 -17.40 -17.78 19.28
CA PRO A 273 -18.72 -18.38 19.58
C PRO A 273 -19.72 -18.39 18.42
N PHE A 274 -19.49 -17.56 17.41
CA PHE A 274 -20.36 -17.40 16.25
C PHE A 274 -19.83 -18.04 14.96
N VAL A 275 -18.80 -18.88 15.12
CA VAL A 275 -18.21 -19.63 14.03
C VAL A 275 -19.25 -20.65 13.52
N VAL A 276 -19.23 -20.89 12.20
CA VAL A 276 -20.09 -21.89 11.56
C VAL A 276 -19.21 -22.72 10.61
N PRO A 277 -19.69 -23.88 10.15
CA PRO A 277 -18.89 -24.63 9.17
C PRO A 277 -18.50 -23.81 7.95
N ASN A 278 -17.33 -24.15 7.41
CA ASN A 278 -16.88 -23.51 6.19
C ASN A 278 -17.69 -23.98 4.97
N PRO A 279 -18.02 -23.08 4.07
CA PRO A 279 -18.66 -23.48 2.81
C PRO A 279 -17.87 -24.57 2.08
N LYS A 280 -18.59 -25.52 1.48
CA LYS A 280 -17.94 -26.60 0.70
C LYS A 280 -17.32 -25.93 -0.53
N GLN A 281 -16.04 -26.21 -0.75
CA GLN A 281 -15.34 -25.72 -1.93
C GLN A 281 -15.18 -26.84 -2.96
N ASP A 282 -15.64 -26.56 -4.15
CA ASP A 282 -15.59 -27.50 -5.26
C ASP A 282 -15.24 -26.73 -6.55
N PRO A 283 -14.05 -26.90 -7.10
CA PRO A 283 -13.04 -27.90 -6.71
C PRO A 283 -12.37 -27.71 -5.35
N LYS A 284 -11.91 -28.77 -4.70
CA LYS A 284 -11.11 -28.68 -3.50
C LYS A 284 -9.88 -27.80 -3.80
N PRO A 285 -9.54 -26.89 -2.91
CA PRO A 285 -8.32 -26.10 -3.12
C PRO A 285 -7.07 -26.95 -2.99
N LEU A 286 -5.98 -26.42 -3.52
CA LEU A 286 -4.66 -27.02 -3.32
C LEU A 286 -4.35 -27.13 -1.82
N PRO A 287 -3.57 -28.13 -1.41
CA PRO A 287 -3.28 -28.36 0.00
C PRO A 287 -2.84 -27.15 0.80
N TYR A 288 -2.08 -26.24 0.18
CA TYR A 288 -1.58 -25.09 0.94
C TYR A 288 -2.72 -24.21 1.47
N LEU A 289 -3.89 -24.33 0.83
CA LEU A 289 -5.07 -23.56 1.22
C LEU A 289 -6.10 -24.32 2.07
N CYS A 290 -5.81 -25.59 2.36
CA CYS A 290 -6.78 -26.43 3.06
C CYS A 290 -6.70 -26.29 4.57
N HIS A 291 -7.88 -26.16 5.19
CA HIS A 291 -7.96 -26.20 6.65
C HIS A 291 -9.25 -26.82 7.11
N SER A 292 -9.13 -27.61 8.18
CA SER A 292 -10.31 -28.23 8.76
C SER A 292 -11.05 -27.29 9.73
N GLN A 293 -10.29 -26.46 10.43
CA GLN A 293 -10.84 -25.56 11.47
C GLN A 293 -12.00 -24.71 10.90
N PRO A 294 -13.17 -24.70 11.51
CA PRO A 294 -14.23 -23.74 11.10
C PRO A 294 -13.68 -22.32 11.29
N TYR A 295 -13.89 -21.50 10.26
CA TYR A 295 -13.41 -20.12 10.29
C TYR A 295 -14.29 -19.27 9.42
N THR A 296 -15.58 -19.50 9.51
CA THR A 296 -16.63 -18.75 8.80
C THR A 296 -17.53 -18.23 9.90
N PHE A 297 -18.05 -17.01 9.80
CA PHE A 297 -18.73 -16.41 10.95
C PHE A 297 -20.08 -15.88 10.59
N ASP A 298 -21.02 -16.15 11.50
CA ASP A 298 -22.39 -15.68 11.37
C ASP A 298 -22.51 -14.26 11.95
N ILE A 299 -22.35 -13.30 11.05
CA ILE A 299 -22.40 -11.88 11.42
C ILE A 299 -23.48 -11.26 10.51
N ASN A 300 -24.55 -10.75 11.13
CA ASN A 300 -25.66 -10.10 10.43
C ASN A 300 -25.28 -8.68 10.10
N LEU A 301 -25.31 -8.33 8.82
CA LEU A 301 -24.84 -7.01 8.33
C LEU A 301 -26.01 -6.25 7.76
N SER A 302 -26.03 -4.94 7.94
CA SER A 302 -27.09 -4.10 7.39
C SER A 302 -26.50 -2.83 6.84
N VAL A 303 -27.10 -2.28 5.79
CA VAL A 303 -26.70 -1.01 5.25
C VAL A 303 -27.89 -0.14 5.06
N SER A 304 -27.80 1.08 5.60
CA SER A 304 -28.84 2.07 5.40
C SER A 304 -28.37 3.26 4.57
N LEU A 305 -29.32 3.90 3.92
CA LEU A 305 -29.07 5.07 3.08
C LEU A 305 -30.06 6.16 3.48
N LYS A 306 -29.57 7.37 3.71
CA LYS A 306 -30.48 8.49 3.95
C LYS A 306 -30.02 9.69 3.13
N GLY A 307 -30.93 10.22 2.31
CA GLY A 307 -30.60 11.33 1.47
C GLY A 307 -30.99 12.65 2.07
N GLU A 308 -30.54 13.72 1.43
CA GLU A 308 -30.93 15.07 1.82
C GLU A 308 -32.42 15.16 1.68
N GLY A 309 -33.05 15.76 2.70
CA GLY A 309 -34.48 15.97 2.67
C GLY A 309 -35.23 14.81 3.28
N MET A 310 -34.68 13.59 3.15
CA MET A 310 -35.27 12.39 3.75
C MET A 310 -35.18 12.47 5.26
N SER A 311 -36.24 12.07 5.96
CA SER A 311 -36.25 12.16 7.43
C SER A 311 -35.84 10.86 8.11
N GLN A 312 -35.93 9.75 7.36
CA GLN A 312 -35.59 8.43 7.89
C GLN A 312 -34.65 7.71 6.92
N ALA A 313 -33.66 7.01 7.47
CA ALA A 313 -32.77 6.14 6.66
C ALA A 313 -33.51 4.90 6.24
N ALA A 314 -33.26 4.45 5.02
CA ALA A 314 -33.82 3.18 4.53
C ALA A 314 -32.77 2.09 4.51
N THR A 315 -33.13 0.89 4.96
CA THR A 315 -32.23 -0.24 4.87
C THR A 315 -32.29 -0.78 3.46
N ILE A 316 -31.16 -0.77 2.78
CA ILE A 316 -31.07 -1.16 1.37
C ILE A 316 -30.39 -2.52 1.18
N CYS A 317 -29.76 -3.07 2.23
CA CYS A 317 -29.07 -4.36 2.13
C CYS A 317 -29.10 -5.01 3.50
N ARG A 318 -29.41 -6.30 3.57
CA ARG A 318 -29.22 -7.12 4.76
C ARG A 318 -28.49 -8.35 4.28
N SER A 319 -27.31 -8.60 4.82
CA SER A 319 -26.50 -9.67 4.32
C SER A 319 -25.79 -10.30 5.52
N ASN A 320 -24.88 -11.22 5.29
CA ASN A 320 -24.25 -11.95 6.38
C ASN A 320 -22.83 -12.34 5.92
N PHE A 321 -21.84 -12.16 6.79
CA PHE A 321 -20.49 -12.58 6.49
C PHE A 321 -20.35 -14.09 6.22
N LYS A 322 -21.33 -14.89 6.62
CA LYS A 322 -21.20 -16.33 6.46
C LYS A 322 -21.32 -16.74 4.99
N HIS A 323 -21.63 -15.80 4.10
CA HIS A 323 -21.74 -16.06 2.65
C HIS A 323 -20.39 -16.37 1.98
N MET A 324 -19.31 -15.91 2.55
CA MET A 324 -18.04 -15.85 1.85
C MET A 324 -17.49 -17.21 1.54
N TYR A 325 -16.91 -17.32 0.35
CA TYR A 325 -16.44 -18.61 -0.19
C TYR A 325 -15.05 -18.98 0.33
N TRP A 326 -14.18 -18.00 0.47
CA TRP A 326 -12.80 -18.18 0.95
C TRP A 326 -12.71 -17.61 2.36
N THR A 327 -12.07 -18.31 3.30
CA THR A 327 -12.00 -17.80 4.65
C THR A 327 -10.82 -16.84 4.84
N MET A 328 -10.83 -16.16 5.97
CA MET A 328 -9.71 -15.27 6.33
C MET A 328 -8.41 -16.06 6.44
N LEU A 329 -8.51 -17.33 6.89
CA LEU A 329 -7.27 -18.16 6.97
C LEU A 329 -6.71 -18.38 5.58
N GLN A 330 -7.56 -18.68 4.62
CA GLN A 330 -7.11 -18.87 3.25
C GLN A 330 -6.57 -17.59 2.67
N GLN A 331 -7.21 -16.47 2.95
CA GLN A 331 -6.72 -15.19 2.42
C GLN A 331 -5.37 -14.86 2.98
N LEU A 332 -5.15 -14.99 4.28
CA LEU A 332 -3.88 -14.67 4.90
C LEU A 332 -2.79 -15.54 4.37
N THR A 333 -3.11 -16.83 4.26
CA THR A 333 -2.11 -17.79 3.79
C THR A 333 -1.74 -17.50 2.34
N HIS A 334 -2.72 -17.33 1.46
CA HIS A 334 -2.44 -17.00 0.07
C HIS A 334 -1.60 -15.71 0.00
N HIS A 335 -1.96 -14.69 0.79
CA HIS A 335 -1.25 -13.42 0.72
C HIS A 335 0.22 -13.54 1.06
N SER A 336 0.61 -14.56 1.82
CA SER A 336 1.99 -14.73 2.21
C SER A 336 2.68 -15.93 1.50
N VAL A 337 1.96 -16.63 0.63
CA VAL A 337 2.51 -17.88 0.06
C VAL A 337 3.83 -17.63 -0.65
N ASN A 338 3.99 -16.45 -1.25
CA ASN A 338 5.15 -16.09 -2.10
C ASN A 338 6.24 -15.43 -1.28
N GLY A 339 6.09 -15.34 0.04
CA GLY A 339 7.09 -14.69 0.89
C GLY A 339 6.83 -13.23 1.21
N CYS A 340 5.71 -12.70 0.68
CA CYS A 340 5.26 -11.35 1.05
C CYS A 340 5.15 -11.25 2.58
N ASN A 341 5.68 -10.18 3.16
CA ASN A 341 5.69 -9.99 4.60
C ASN A 341 4.55 -9.15 5.11
N LEU A 342 3.54 -9.82 5.65
CA LEU A 342 2.42 -9.15 6.31
C LEU A 342 2.96 -8.53 7.60
N ARG A 343 2.49 -7.36 8.01
CA ARG A 343 2.97 -6.63 9.16
C ARG A 343 1.82 -6.29 10.12
N PRO A 344 2.10 -6.12 11.42
CA PRO A 344 1.04 -5.75 12.37
C PRO A 344 0.29 -4.50 11.92
N GLY A 345 -1.04 -4.55 11.97
CA GLY A 345 -1.88 -3.41 11.57
C GLY A 345 -2.20 -3.40 10.08
N ASP A 346 -1.66 -4.35 9.30
CA ASP A 346 -2.13 -4.48 7.90
C ASP A 346 -3.63 -4.84 7.93
N LEU A 347 -4.35 -4.36 6.93
CA LEU A 347 -5.81 -4.56 6.83
C LEU A 347 -6.13 -5.42 5.62
N LEU A 348 -6.76 -6.59 5.85
CA LEU A 348 -7.13 -7.47 4.72
C LEU A 348 -8.65 -7.54 4.67
N ALA A 349 -9.27 -7.02 3.63
CA ALA A 349 -10.71 -6.93 3.56
C ALA A 349 -11.27 -8.10 2.76
N SER A 350 -12.52 -8.45 3.07
CA SER A 350 -13.13 -9.68 2.62
C SER A 350 -13.46 -9.74 1.14
N GLY A 351 -13.74 -8.56 0.57
CA GLY A 351 -14.54 -8.45 -0.65
C GLY A 351 -15.97 -8.02 -0.29
N THR A 352 -16.69 -7.52 -1.29
CA THR A 352 -18.09 -7.15 -1.11
C THR A 352 -18.91 -8.36 -0.77
N ILE A 353 -19.74 -8.25 0.27
CA ILE A 353 -20.43 -9.39 0.84
C ILE A 353 -21.84 -9.49 0.28
N SER A 354 -22.04 -10.25 -0.78
CA SER A 354 -23.37 -10.47 -1.33
C SER A 354 -23.81 -11.91 -1.12
N GLY A 355 -25.03 -12.10 -0.69
CA GLY A 355 -25.63 -13.43 -0.74
C GLY A 355 -26.38 -13.66 -2.04
N SER A 356 -27.03 -14.82 -2.15
CA SER A 356 -27.81 -15.09 -3.37
C SER A 356 -29.12 -14.31 -3.47
N ASP A 357 -29.75 -13.99 -2.33
CA ASP A 357 -30.97 -13.18 -2.29
C ASP A 357 -30.65 -11.73 -2.73
N PRO A 358 -31.33 -11.18 -3.75
CA PRO A 358 -31.02 -9.80 -4.14
C PRO A 358 -31.10 -8.76 -3.02
N GLU A 359 -31.83 -9.07 -1.96
CA GLU A 359 -31.93 -8.17 -0.84
C GLU A 359 -30.62 -8.08 -0.06
N SER A 360 -29.74 -9.01 -0.37
CA SER A 360 -28.44 -9.15 0.33
C SER A 360 -27.25 -8.77 -0.54
N PHE A 361 -27.50 -8.18 -1.72
CA PHE A 361 -26.38 -7.72 -2.52
C PHE A 361 -25.70 -6.51 -1.90
N GLY A 362 -24.36 -6.53 -1.90
CA GLY A 362 -23.55 -5.64 -1.07
C GLY A 362 -23.07 -4.36 -1.72
N SER A 363 -23.57 -4.01 -2.91
CA SER A 363 -23.22 -2.76 -3.55
C SER A 363 -24.42 -2.20 -4.28
N MET A 364 -24.43 -0.88 -4.55
CA MET A 364 -25.51 -0.37 -5.39
C MET A 364 -25.31 -0.71 -6.84
N LEU A 365 -24.10 -1.02 -7.29
CA LEU A 365 -23.91 -1.57 -8.63
C LEU A 365 -24.76 -2.82 -8.75
N GLU A 366 -24.80 -3.65 -7.73
CA GLU A 366 -25.63 -4.87 -7.76
C GLU A 366 -27.09 -4.59 -7.46
N LEU A 367 -27.38 -3.81 -6.40
CA LEU A 367 -28.76 -3.56 -6.04
C LEU A 367 -29.53 -2.87 -7.18
N SER A 368 -28.86 -2.03 -7.96
CA SER A 368 -29.50 -1.33 -9.08
C SER A 368 -29.23 -2.02 -10.42
N TRP A 369 -28.46 -3.12 -10.39
CA TRP A 369 -28.07 -3.85 -11.58
C TRP A 369 -27.50 -2.91 -12.65
N LYS A 370 -26.41 -2.22 -12.31
CA LYS A 370 -25.72 -1.36 -13.25
C LYS A 370 -26.64 -0.19 -13.68
N GLY A 371 -27.45 0.31 -12.75
CA GLY A 371 -28.28 1.46 -13.04
C GLY A 371 -29.48 1.19 -13.93
N THR A 372 -29.96 -0.05 -13.94
CA THR A 372 -31.13 -0.44 -14.75
C THR A 372 -32.36 -0.66 -13.90
N LYS A 373 -32.22 -0.69 -12.58
CA LYS A 373 -33.33 -0.95 -11.65
C LYS A 373 -33.27 0.11 -10.56
N ALA A 374 -34.38 0.77 -10.25
CA ALA A 374 -34.38 1.77 -9.18
C ALA A 374 -34.51 1.05 -7.83
N ILE A 375 -33.71 1.50 -6.85
CA ILE A 375 -33.78 1.05 -5.48
C ILE A 375 -34.75 1.97 -4.71
N ASP A 376 -35.73 1.37 -4.05
CA ASP A 376 -36.70 2.12 -3.25
C ASP A 376 -36.03 2.50 -1.94
N VAL A 377 -35.91 3.79 -1.66
CA VAL A 377 -35.27 4.25 -0.42
C VAL A 377 -36.25 4.99 0.49
N GLY A 378 -37.53 4.83 0.18
CA GLY A 378 -38.64 5.34 1.00
C GLY A 378 -39.00 6.78 0.69
N GLN A 379 -40.09 7.26 1.29
CA GLN A 379 -40.58 8.62 1.06
C GLN A 379 -40.64 9.08 -0.40
N GLY A 380 -41.11 8.20 -1.28
CA GLY A 380 -41.21 8.46 -2.70
C GLY A 380 -39.88 8.61 -3.46
N GLN A 381 -38.76 8.32 -2.78
CA GLN A 381 -37.42 8.52 -3.35
C GLN A 381 -36.81 7.19 -3.86
N THR A 382 -35.99 7.30 -4.90
CA THR A 382 -35.34 6.13 -5.46
C THR A 382 -33.86 6.45 -5.73
N ARG A 383 -33.06 5.39 -5.86
CA ARG A 383 -31.65 5.55 -6.21
C ARG A 383 -31.25 4.49 -7.23
N THR A 384 -30.26 4.84 -8.06
CA THR A 384 -29.46 3.81 -8.66
C THR A 384 -28.09 3.87 -7.95
N PHE A 385 -27.37 4.95 -8.18
CA PHE A 385 -26.11 5.26 -7.49
C PHE A 385 -26.25 6.39 -6.49
N LEU A 386 -25.22 6.65 -5.70
CA LEU A 386 -25.34 7.63 -4.64
C LEU A 386 -25.45 9.07 -5.12
N LEU A 387 -26.31 9.84 -4.45
CA LEU A 387 -26.40 11.29 -4.67
C LEU A 387 -25.60 12.08 -3.67
N ASP A 388 -25.16 13.27 -4.09
CA ASP A 388 -24.58 14.22 -3.15
C ASP A 388 -25.47 14.35 -1.93
N GLY A 389 -24.90 14.27 -0.75
CA GLY A 389 -25.64 14.45 0.48
C GLY A 389 -26.15 13.12 1.05
N ASP A 390 -26.02 12.01 0.31
CA ASP A 390 -26.45 10.73 0.82
C ASP A 390 -25.51 10.25 1.92
N GLU A 391 -26.06 9.64 2.97
CA GLU A 391 -25.23 9.07 4.00
C GLU A 391 -25.51 7.59 4.05
N VAL A 392 -24.42 6.84 4.03
CA VAL A 392 -24.50 5.38 4.10
C VAL A 392 -23.96 4.93 5.43
N ILE A 393 -24.71 4.09 6.14
CA ILE A 393 -24.25 3.54 7.43
C ILE A 393 -24.33 2.02 7.40
N ILE A 394 -23.18 1.39 7.64
CA ILE A 394 -23.10 -0.08 7.76
C ILE A 394 -23.03 -0.39 9.27
N THR A 395 -23.78 -1.42 9.67
CA THR A 395 -23.74 -2.00 11.00
C THR A 395 -23.64 -3.50 10.89
N GLY A 396 -23.26 -4.14 11.98
CA GLY A 396 -23.09 -5.60 12.03
C GLY A 396 -23.23 -6.08 13.46
N HIS A 397 -23.86 -7.25 13.61
CA HIS A 397 -24.12 -7.85 14.93
C HIS A 397 -24.07 -9.36 14.85
N CYS A 398 -23.49 -9.96 15.89
CA CYS A 398 -23.63 -11.39 16.17
C CYS A 398 -24.66 -11.56 17.26
N GLN A 399 -25.59 -12.49 17.05
CA GLN A 399 -26.70 -12.64 17.97
C GLN A 399 -26.42 -13.78 18.95
N GLY A 400 -26.23 -13.43 20.23
CA GLY A 400 -26.02 -14.44 21.25
C GLY A 400 -27.35 -14.68 21.95
N ASP A 401 -27.31 -15.55 22.95
CA ASP A 401 -28.48 -15.79 23.79
C ASP A 401 -28.59 -14.71 24.85
N GLY A 402 -29.44 -13.72 24.58
CA GLY A 402 -29.65 -12.61 25.48
C GLY A 402 -28.68 -11.43 25.38
N TYR A 403 -27.86 -11.41 24.33
CA TYR A 403 -26.91 -10.28 24.13
C TYR A 403 -26.50 -10.33 22.67
N ARG A 404 -25.90 -9.24 22.19
CA ARG A 404 -25.36 -9.23 20.85
C ARG A 404 -23.98 -8.64 20.93
N VAL A 405 -23.07 -9.15 20.11
CA VAL A 405 -21.73 -8.57 19.92
C VAL A 405 -21.80 -7.69 18.68
N GLY A 406 -21.79 -6.39 18.84
CA GLY A 406 -21.99 -5.44 17.76
C GLY A 406 -20.70 -4.77 17.37
N PHE A 407 -20.72 -4.13 16.19
CA PHE A 407 -19.51 -3.56 15.58
C PHE A 407 -19.51 -2.04 15.60
N GLY A 408 -20.50 -1.42 16.20
CA GLY A 408 -20.73 0.02 16.06
C GLY A 408 -21.05 0.40 14.61
N GLN A 409 -20.56 1.54 14.15
CA GLN A 409 -20.98 2.08 12.83
C GLN A 409 -19.80 2.22 11.93
N CYS A 410 -20.10 2.07 10.64
CA CYS A 410 -19.18 2.44 9.57
C CYS A 410 -19.96 3.36 8.62
N ALA A 411 -19.85 4.69 8.90
CA ALA A 411 -20.71 5.68 8.29
C ALA A 411 -19.93 6.67 7.43
N GLY A 412 -20.55 7.19 6.39
CA GLY A 412 -19.99 8.34 5.67
C GLY A 412 -21.07 9.05 4.87
N LYS A 413 -20.89 10.34 4.71
CA LYS A 413 -21.76 11.17 3.90
C LYS A 413 -20.98 11.68 2.68
N VAL A 414 -21.66 11.66 1.54
CA VAL A 414 -21.12 12.10 0.26
C VAL A 414 -21.18 13.62 0.14
N LEU A 415 -20.04 14.22 -0.10
CA LEU A 415 -19.95 15.66 -0.39
C LEU A 415 -19.90 15.85 -1.88
N PRO A 416 -20.39 16.99 -2.38
CA PRO A 416 -20.30 17.26 -3.82
C PRO A 416 -18.85 17.36 -4.30
N ALA A 417 -18.67 16.98 -5.56
CA ALA A 417 -17.38 17.20 -6.20
C ALA A 417 -16.93 18.65 -6.12
N LEU A 418 -15.64 18.85 -6.03
CA LEU A 418 -15.16 20.21 -5.95
C LEU A 418 -13.92 20.39 -6.79
N GLY B 1 32.43 23.62 -14.37
CA GLY B 1 32.56 22.59 -13.31
C GLY B 1 32.45 23.22 -11.96
N SER B 2 32.58 22.38 -10.94
CA SER B 2 32.40 22.76 -9.55
C SER B 2 33.10 21.69 -8.77
N MET B 3 33.90 22.08 -7.62
CA MET B 3 34.73 21.10 -6.93
C MET B 3 34.47 21.14 -5.44
N SER B 4 34.63 19.97 -4.83
CA SER B 4 34.58 19.82 -3.39
C SER B 4 36.00 19.75 -2.81
N PHE B 5 36.16 20.04 -1.51
CA PHE B 5 37.40 19.67 -0.84
C PHE B 5 37.55 18.15 -0.72
N ILE B 6 36.42 17.43 -0.77
CA ILE B 6 36.50 15.98 -0.80
C ILE B 6 36.87 15.58 -2.23
N PRO B 7 37.89 14.74 -2.42
CA PRO B 7 38.28 14.28 -3.77
C PRO B 7 37.20 13.45 -4.43
N VAL B 8 36.96 13.72 -5.70
CA VAL B 8 35.92 13.05 -6.45
C VAL B 8 36.50 12.60 -7.78
N ALA B 9 36.41 11.31 -8.08
CA ALA B 9 36.86 10.82 -9.38
C ALA B 9 35.95 11.39 -10.47
N GLU B 10 36.49 11.67 -11.65
CA GLU B 10 35.71 12.12 -12.81
C GLU B 10 34.38 11.35 -13.08
N ASP B 11 34.44 10.02 -12.94
CA ASP B 11 33.26 9.16 -13.20
C ASP B 11 32.53 8.78 -11.91
N SER B 12 32.91 9.37 -10.79
CA SER B 12 32.20 9.08 -9.55
C SER B 12 30.69 9.36 -9.72
N ASP B 13 29.88 8.50 -9.09
CA ASP B 13 28.45 8.78 -9.05
C ASP B 13 28.13 10.01 -8.22
N PHE B 14 29.03 10.44 -7.34
CA PHE B 14 28.73 11.34 -6.25
C PHE B 14 29.59 12.59 -6.24
N PRO B 15 29.62 13.35 -7.34
CA PRO B 15 30.33 14.64 -7.30
C PRO B 15 29.50 15.69 -6.56
N ILE B 16 30.06 16.90 -6.40
CA ILE B 16 29.32 17.94 -5.72
C ILE B 16 28.01 18.32 -6.46
N GLN B 17 27.95 18.04 -7.76
CA GLN B 17 26.73 18.27 -8.54
C GLN B 17 25.58 17.35 -8.18
N ASN B 18 25.84 16.24 -7.46
CA ASN B 18 24.78 15.30 -7.12
C ASN B 18 24.19 15.57 -5.73
N LEU B 19 24.87 15.10 -4.68
CA LEU B 19 24.47 15.28 -3.29
C LEU B 19 23.13 14.61 -2.95
N PRO B 20 23.08 13.29 -3.08
CA PRO B 20 21.86 12.53 -2.80
C PRO B 20 21.74 12.25 -1.32
N TYR B 21 20.53 12.01 -0.86
CA TYR B 21 20.22 11.78 0.54
C TYR B 21 19.98 10.31 0.80
N GLY B 22 20.49 9.82 1.93
CA GLY B 22 20.27 8.42 2.27
C GLY B 22 20.28 8.21 3.76
N VAL B 23 19.96 6.98 4.16
CA VAL B 23 19.92 6.57 5.57
C VAL B 23 20.97 5.47 5.71
N PHE B 24 21.88 5.66 6.66
CA PHE B 24 22.99 4.74 6.82
C PHE B 24 23.24 4.50 8.33
N SER B 25 23.97 3.43 8.60
CA SER B 25 24.57 3.23 9.94
C SER B 25 26.00 2.73 9.68
N THR B 26 26.78 2.59 10.75
CA THR B 26 28.18 2.16 10.66
C THR B 26 28.47 1.12 11.69
N GLN B 27 29.66 0.53 11.62
CA GLN B 27 30.03 -0.42 12.65
C GLN B 27 30.16 0.28 14.00
N SER B 28 30.54 1.54 14.00
CA SER B 28 30.74 2.28 15.23
C SER B 28 29.43 2.68 15.91
N ASN B 29 28.37 2.80 15.11
CA ASN B 29 27.13 3.46 15.54
C ASN B 29 25.94 2.87 14.79
N PRO B 30 25.17 2.02 15.45
CA PRO B 30 24.06 1.34 14.80
C PRO B 30 22.83 2.19 14.54
N LYS B 31 22.76 3.43 15.00
CA LYS B 31 21.53 4.21 14.80
C LYS B 31 21.45 4.61 13.33
N PRO B 32 20.38 4.23 12.64
CA PRO B 32 20.20 4.69 11.25
C PRO B 32 20.05 6.20 11.26
N ARG B 33 20.74 6.85 10.33
CA ARG B 33 20.79 8.31 10.35
C ARG B 33 21.00 8.84 8.91
N ILE B 34 20.76 10.14 8.77
CA ILE B 34 20.72 10.77 7.45
C ILE B 34 22.07 11.24 7.03
N GLY B 35 22.46 10.86 5.82
CA GLY B 35 23.72 11.28 5.21
C GLY B 35 23.54 11.76 3.79
N VAL B 36 24.60 12.39 3.28
CA VAL B 36 24.69 12.80 1.90
C VAL B 36 25.96 12.23 1.34
N ALA B 37 25.90 11.61 0.17
CA ALA B 37 27.07 10.99 -0.48
C ALA B 37 27.89 12.09 -1.14
N ILE B 38 29.22 12.03 -0.97
CA ILE B 38 30.13 12.94 -1.71
C ILE B 38 31.42 12.20 -1.92
N GLY B 39 31.82 12.05 -3.20
CA GLY B 39 32.96 11.21 -3.53
C GLY B 39 32.75 9.80 -2.98
N ASP B 40 33.71 9.29 -2.21
CA ASP B 40 33.55 7.96 -1.60
C ASP B 40 33.19 8.06 -0.09
N GLN B 41 32.79 9.25 0.36
CA GLN B 41 32.41 9.58 1.73
C GLN B 41 30.92 9.77 1.90
N ILE B 42 30.50 9.75 3.17
CA ILE B 42 29.15 10.19 3.55
C ILE B 42 29.32 11.31 4.57
N LEU B 43 28.61 12.39 4.35
CA LEU B 43 28.47 13.47 5.31
C LEU B 43 27.23 13.26 6.17
N ASP B 44 27.41 13.12 7.47
CA ASP B 44 26.34 12.82 8.43
C ASP B 44 25.59 14.09 8.77
N LEU B 45 24.37 14.24 8.28
CA LEU B 45 23.62 15.47 8.53
C LEU B 45 23.19 15.67 9.98
N SER B 46 23.05 14.57 10.72
CA SER B 46 22.74 14.69 12.15
C SER B 46 23.87 15.43 12.89
N VAL B 47 25.11 15.24 12.42
CA VAL B 47 26.26 15.90 13.04
C VAL B 47 26.35 17.38 12.68
N ILE B 48 26.00 17.74 11.45
CA ILE B 48 26.14 19.13 11.02
C ILE B 48 24.84 19.93 11.02
N LYS B 49 23.80 19.39 11.65
CA LYS B 49 22.47 20.00 11.52
C LYS B 49 22.38 21.46 11.99
N HIS B 50 23.21 21.80 12.98
CA HIS B 50 23.22 23.18 13.48
C HIS B 50 23.80 24.15 12.48
N LEU B 51 24.46 23.67 11.42
CA LEU B 51 24.93 24.55 10.33
C LEU B 51 23.85 24.97 9.33
N PHE B 52 22.65 24.40 9.46
CA PHE B 52 21.53 24.82 8.61
C PHE B 52 20.81 25.98 9.32
N THR B 53 21.29 27.20 9.10
CA THR B 53 20.83 28.39 9.83
C THR B 53 19.83 29.26 9.10
N GLY B 54 19.48 28.88 7.87
CA GLY B 54 18.57 29.64 7.04
C GLY B 54 17.13 29.58 7.51
N PRO B 55 16.28 30.38 6.89
CA PRO B 55 14.89 30.52 7.35
C PRO B 55 14.00 29.28 7.23
N ALA B 56 14.23 28.46 6.21
CA ALA B 56 13.42 27.27 6.01
C ALA B 56 13.76 26.16 6.98
N LEU B 57 15.03 26.13 7.40
CA LEU B 57 15.54 25.03 8.22
C LEU B 57 15.85 25.33 9.66
N SER B 58 16.05 26.60 10.01
CA SER B 58 16.56 26.88 11.37
C SER B 58 15.65 26.31 12.49
N LYS B 59 14.33 26.30 12.29
CA LYS B 59 13.42 25.73 13.31
C LYS B 59 13.03 24.27 13.07
N HIS B 60 13.66 23.66 12.08
CA HIS B 60 13.32 22.31 11.61
C HIS B 60 14.57 21.42 11.52
N GLN B 61 15.61 21.76 12.28
CA GLN B 61 16.85 21.02 12.21
C GLN B 61 16.66 19.57 12.69
N HIS B 62 15.63 19.32 13.52
CA HIS B 62 15.39 17.96 13.95
C HIS B 62 15.07 16.99 12.81
N VAL B 63 14.69 17.48 11.64
CA VAL B 63 14.37 16.51 10.57
C VAL B 63 15.64 15.77 10.22
N PHE B 64 16.81 16.37 10.47
CA PHE B 64 18.07 15.73 10.11
C PHE B 64 18.55 14.78 11.18
N ASP B 65 17.80 14.66 12.27
CA ASP B 65 18.12 13.73 13.35
C ASP B 65 17.28 12.44 13.25
N GLU B 66 16.37 12.40 12.28
CA GLU B 66 15.45 11.26 12.17
C GLU B 66 16.13 10.01 11.59
N THR B 67 15.46 8.86 11.75
CA THR B 67 15.99 7.62 11.20
C THR B 67 15.57 7.36 9.75
N THR B 68 14.74 8.27 9.24
CA THR B 68 14.24 8.18 7.84
C THR B 68 14.15 9.59 7.27
N LEU B 69 14.03 9.69 5.95
CA LEU B 69 13.93 10.98 5.29
C LEU B 69 12.51 11.55 5.26
N ASN B 70 11.49 10.88 5.81
CA ASN B 70 10.11 11.33 5.60
C ASN B 70 9.89 12.77 5.99
N ASN B 71 10.40 13.15 7.15
CA ASN B 71 10.06 14.49 7.63
C ASN B 71 10.74 15.58 6.76
N PHE B 72 11.97 15.32 6.33
CA PHE B 72 12.65 16.26 5.43
C PHE B 72 11.93 16.34 4.09
N MET B 73 11.50 15.18 3.58
CA MET B 73 10.72 15.17 2.34
C MET B 73 9.44 16.02 2.54
N GLY B 74 8.77 15.86 3.68
CA GLY B 74 7.54 16.58 3.94
C GLY B 74 7.69 18.10 4.05
N LEU B 75 8.90 18.61 4.30
CA LEU B 75 9.08 20.07 4.48
C LEU B 75 8.84 20.86 3.22
N GLY B 76 9.07 20.27 2.05
CA GLY B 76 8.82 20.93 0.80
C GLY B 76 10.00 21.67 0.23
N GLN B 77 9.81 22.21 -0.95
CA GLN B 77 10.90 22.71 -1.78
C GLN B 77 11.75 23.84 -1.20
N ALA B 78 11.19 24.79 -0.46
CA ALA B 78 12.06 25.85 0.09
C ALA B 78 13.11 25.25 1.03
N ALA B 79 12.69 24.27 1.83
CA ALA B 79 13.60 23.54 2.70
C ALA B 79 14.61 22.74 1.87
N TRP B 80 14.18 22.07 0.79
CA TRP B 80 15.11 21.24 0.01
C TRP B 80 16.14 22.12 -0.63
N LYS B 81 15.70 23.25 -1.17
CA LYS B 81 16.59 24.18 -1.84
C LYS B 81 17.62 24.81 -0.89
N GLU B 82 17.18 25.15 0.31
CA GLU B 82 18.04 25.71 1.32
C GLU B 82 19.08 24.69 1.80
N ALA B 83 18.66 23.44 2.05
CA ALA B 83 19.60 22.39 2.41
C ALA B 83 20.64 22.17 1.33
N ARG B 84 20.21 22.11 0.07
CA ARG B 84 21.11 21.85 -1.02
C ARG B 84 22.11 23.00 -1.15
N ALA B 85 21.64 24.25 -1.13
CA ALA B 85 22.59 25.39 -1.21
C ALA B 85 23.57 25.38 -0.04
N SER B 86 23.09 25.04 1.16
CA SER B 86 23.98 25.01 2.35
C SER B 86 25.02 23.92 2.16
N LEU B 87 24.62 22.75 1.65
CA LEU B 87 25.56 21.66 1.43
C LEU B 87 26.56 21.98 0.31
N GLN B 88 26.11 22.65 -0.75
CA GLN B 88 27.01 22.98 -1.83
C GLN B 88 28.08 23.95 -1.29
N ASN B 89 27.67 24.85 -0.42
CA ASN B 89 28.63 25.79 0.19
C ASN B 89 29.58 25.04 1.11
N LEU B 90 29.04 24.29 2.05
CA LEU B 90 29.85 23.60 3.02
C LEU B 90 30.85 22.67 2.39
N LEU B 91 30.46 21.97 1.31
CA LEU B 91 31.35 20.99 0.65
C LEU B 91 32.29 21.59 -0.37
N SER B 92 32.13 22.89 -0.63
CA SER B 92 32.93 23.56 -1.65
C SER B 92 34.42 23.54 -1.32
N ALA B 93 35.24 23.35 -2.34
CA ALA B 93 36.70 23.39 -2.17
C ALA B 93 37.16 24.72 -1.59
N SER B 94 36.43 25.78 -1.86
CA SER B 94 36.86 27.10 -1.42
C SER B 94 36.28 27.58 -0.09
N GLN B 95 35.43 26.77 0.57
CA GLN B 95 34.81 27.15 1.84
C GLN B 95 35.59 26.53 3.02
N ALA B 96 36.03 27.39 3.94
CA ALA B 96 36.80 26.92 5.12
C ALA B 96 36.01 26.27 6.23
N ARG B 97 34.71 26.58 6.36
CA ARG B 97 33.98 26.29 7.59
C ARG B 97 34.12 24.82 8.00
N LEU B 98 33.77 23.89 7.08
CA LEU B 98 33.89 22.47 7.43
C LEU B 98 35.25 21.93 7.06
N ARG B 99 35.72 22.32 5.88
CA ARG B 99 37.02 21.92 5.36
C ARG B 99 38.16 22.00 6.38
N ASP B 100 38.20 23.10 7.13
CA ASP B 100 39.33 23.37 8.03
C ASP B 100 39.05 22.98 9.49
N ASP B 101 37.86 22.46 9.78
CA ASP B 101 37.52 22.00 11.13
C ASP B 101 37.84 20.52 11.31
N LYS B 102 39.10 20.21 11.64
CA LYS B 102 39.58 18.82 11.71
C LYS B 102 38.69 17.93 12.59
N GLU B 103 38.35 18.44 13.77
CA GLU B 103 37.57 17.69 14.73
C GLU B 103 36.12 17.48 14.26
N LEU B 104 35.49 18.53 13.73
CA LEU B 104 34.18 18.36 13.11
C LEU B 104 34.23 17.34 11.95
N ARG B 105 35.24 17.42 11.05
CA ARG B 105 35.34 16.44 9.93
C ARG B 105 35.45 15.01 10.39
N GLN B 106 36.20 14.82 11.47
CA GLN B 106 36.32 13.54 12.11
C GLN B 106 34.94 13.00 12.49
N ARG B 107 34.09 13.85 13.07
CA ARG B 107 32.77 13.41 13.48
C ARG B 107 31.76 13.33 12.32
N ALA B 108 31.93 14.21 11.32
CA ALA B 108 30.91 14.39 10.27
C ALA B 108 31.04 13.45 9.11
N PHE B 109 32.23 12.92 8.81
CA PHE B 109 32.39 12.09 7.64
C PHE B 109 32.64 10.66 8.00
N THR B 110 32.21 9.76 7.13
CA THR B 110 32.55 8.35 7.23
C THR B 110 32.64 7.76 5.83
N SER B 111 33.36 6.68 5.66
CA SER B 111 33.54 6.11 4.36
C SER B 111 32.28 5.38 3.92
N GLN B 112 31.94 5.47 2.64
CA GLN B 112 30.84 4.63 2.11
C GLN B 112 31.13 3.13 2.27
N ALA B 113 32.41 2.78 2.17
CA ALA B 113 32.82 1.39 2.14
C ALA B 113 32.37 0.68 3.40
N SER B 114 32.44 1.36 4.53
CA SER B 114 32.09 0.68 5.79
C SER B 114 30.68 1.05 6.29
N ALA B 115 29.89 1.74 5.50
CA ALA B 115 28.52 2.08 5.92
C ALA B 115 27.55 1.00 5.46
N THR B 116 26.49 0.82 6.21
CA THR B 116 25.36 -0.01 5.81
C THR B 116 24.21 0.93 5.45
N MET B 117 23.69 0.82 4.21
CA MET B 117 22.54 1.61 3.83
C MET B 117 21.24 0.93 4.21
N HIS B 118 20.26 1.77 4.54
CA HIS B 118 18.91 1.31 4.85
C HIS B 118 17.91 1.90 3.88
N LEU B 119 16.68 1.43 3.92
CA LEU B 119 15.66 2.07 3.09
C LEU B 119 15.60 3.56 3.45
N PRO B 120 15.51 4.47 2.47
CA PRO B 120 15.58 5.88 2.79
C PRO B 120 14.38 6.47 3.47
N ALA B 121 13.21 5.84 3.35
CA ALA B 121 11.99 6.39 3.93
C ALA B 121 11.10 5.23 4.31
N THR B 122 10.18 5.55 5.21
CA THR B 122 9.07 4.63 5.52
C THR B 122 8.00 4.88 4.48
N ILE B 123 7.84 3.89 3.61
CA ILE B 123 6.95 4.09 2.42
C ILE B 123 5.53 3.73 2.77
N GLY B 124 4.67 4.73 2.94
CA GLY B 124 3.27 4.48 3.25
C GLY B 124 2.50 3.75 2.18
N ASP B 125 2.69 4.18 0.95
CA ASP B 125 2.08 3.56 -0.20
C ASP B 125 3.05 3.63 -1.34
N TYR B 126 3.02 2.56 -2.11
CA TYR B 126 3.82 2.40 -3.33
C TYR B 126 2.89 2.13 -4.47
N THR B 127 3.10 2.84 -5.57
CA THR B 127 2.35 2.67 -6.82
C THR B 127 3.32 2.40 -7.95
N ASP B 128 2.96 1.48 -8.82
CA ASP B 128 3.78 1.23 -10.02
C ASP B 128 2.97 1.62 -11.25
N PHE B 129 3.53 2.51 -12.04
CA PHE B 129 2.91 2.92 -13.30
C PHE B 129 3.35 1.96 -14.42
N TYR B 130 3.01 2.30 -15.67
CA TYR B 130 3.08 1.38 -16.78
C TYR B 130 3.39 2.23 -18.02
N SER B 131 4.29 3.19 -17.88
CA SER B 131 4.34 4.34 -18.78
C SER B 131 5.29 4.21 -19.97
N SER B 132 5.87 3.03 -20.19
CA SER B 132 6.66 2.80 -21.42
C SER B 132 5.77 2.18 -22.50
N ARG B 133 5.60 2.90 -23.62
CA ARG B 133 4.71 2.42 -24.67
C ARG B 133 5.22 1.07 -25.19
N GLN B 134 6.53 0.93 -25.33
CA GLN B 134 7.02 -0.35 -25.85
C GLN B 134 6.83 -1.47 -24.85
N HIS B 135 7.08 -1.23 -23.58
CA HIS B 135 6.87 -2.31 -22.60
C HIS B 135 5.41 -2.76 -22.54
N ALA B 136 4.47 -1.82 -22.53
CA ALA B 136 3.05 -2.16 -22.45
C ALA B 136 2.64 -2.91 -23.73
N THR B 137 3.13 -2.46 -24.87
CA THR B 137 2.86 -3.18 -26.13
C THR B 137 3.41 -4.62 -26.01
N ASN B 138 4.66 -4.74 -25.60
CA ASN B 138 5.30 -6.06 -25.56
C ASN B 138 4.53 -6.99 -24.61
N VAL B 139 4.20 -6.54 -23.40
CA VAL B 139 3.53 -7.45 -22.49
C VAL B 139 2.12 -7.77 -22.96
N GLY B 140 1.43 -6.80 -23.54
CA GLY B 140 0.15 -7.07 -24.17
C GLY B 140 0.28 -8.21 -25.17
N ILE B 141 1.26 -8.16 -26.07
CA ILE B 141 1.41 -9.24 -27.07
C ILE B 141 1.63 -10.57 -26.38
N MET B 142 2.48 -10.60 -25.37
CA MET B 142 2.91 -11.87 -24.79
C MET B 142 1.89 -12.49 -23.85
N PHE B 143 1.15 -11.67 -23.09
CA PHE B 143 0.14 -12.19 -22.20
C PHE B 143 -1.24 -12.32 -22.84
N ARG B 144 -1.58 -11.47 -23.82
CA ARG B 144 -2.95 -11.38 -24.38
C ARG B 144 -3.08 -11.52 -25.88
N GLY B 145 -2.17 -10.92 -26.65
CA GLY B 145 -2.20 -11.01 -28.10
C GLY B 145 -1.87 -9.70 -28.77
N LYS B 146 -1.47 -9.73 -30.06
CA LYS B 146 -1.18 -8.48 -30.78
C LYS B 146 -2.41 -7.56 -30.90
N GLU B 147 -3.57 -8.12 -31.13
CA GLU B 147 -4.79 -7.33 -31.20
C GLU B 147 -5.07 -6.59 -29.89
N ASN B 148 -5.12 -5.26 -29.98
CA ASN B 148 -5.24 -4.36 -28.83
C ASN B 148 -4.12 -4.52 -27.83
N ALA B 149 -2.91 -4.87 -28.31
CA ALA B 149 -1.82 -5.09 -27.34
C ALA B 149 -1.67 -3.87 -26.42
N LEU B 150 -1.71 -2.68 -27.02
CA LEU B 150 -1.87 -1.46 -26.26
C LEU B 150 -3.36 -1.23 -26.13
N LEU B 151 -3.86 -1.34 -24.90
CA LEU B 151 -5.29 -1.35 -24.66
C LEU B 151 -5.87 0.09 -24.79
N PRO B 152 -7.18 0.20 -24.96
CA PRO B 152 -7.80 1.50 -25.32
C PRO B 152 -7.54 2.69 -24.38
N ASN B 153 -7.34 2.44 -23.09
CA ASN B 153 -7.09 3.54 -22.16
C ASN B 153 -5.65 4.07 -22.13
N TRP B 154 -4.68 3.32 -22.73
CA TRP B 154 -3.29 3.54 -22.35
C TRP B 154 -2.78 4.91 -22.79
N LEU B 155 -3.22 5.40 -23.96
CA LEU B 155 -2.79 6.71 -24.45
C LEU B 155 -3.56 7.86 -23.86
N HIS B 156 -4.55 7.56 -23.01
CA HIS B 156 -5.43 8.59 -22.42
C HIS B 156 -5.12 8.85 -20.97
N LEU B 157 -4.58 7.86 -20.23
CA LEU B 157 -4.23 8.14 -18.82
C LEU B 157 -3.00 7.32 -18.49
N PRO B 158 -2.22 7.75 -17.49
CA PRO B 158 -1.08 6.93 -17.02
C PRO B 158 -1.57 5.82 -16.13
N VAL B 159 -1.77 4.66 -16.75
CA VAL B 159 -2.20 3.44 -16.08
C VAL B 159 -1.20 3.10 -14.99
N GLY B 160 -1.72 2.68 -13.85
CA GLY B 160 -0.87 2.23 -12.75
C GLY B 160 -1.62 1.31 -11.83
N TYR B 161 -0.96 0.70 -10.85
CA TYR B 161 -1.63 -0.13 -9.85
C TYR B 161 -0.97 0.09 -8.51
N HIS B 162 -1.72 -0.20 -7.45
CA HIS B 162 -1.16 -0.15 -6.11
C HIS B 162 -0.24 -1.36 -5.94
N GLY B 163 0.99 -1.09 -5.46
CA GLY B 163 1.91 -2.19 -5.17
C GLY B 163 1.93 -2.51 -3.68
N ARG B 164 2.82 -3.43 -3.30
CA ARG B 164 2.95 -3.87 -1.94
C ARG B 164 4.09 -3.08 -1.30
N ALA B 165 3.81 -2.27 -0.28
CA ALA B 165 4.87 -1.43 0.32
C ALA B 165 5.81 -2.24 1.19
N SER B 166 5.30 -3.27 1.91
CA SER B 166 6.12 -3.94 2.92
C SER B 166 7.35 -4.63 2.32
N SER B 167 7.23 -5.07 1.09
CA SER B 167 8.28 -5.86 0.47
C SER B 167 9.20 -5.06 -0.43
N ILE B 168 9.17 -3.74 -0.29
CA ILE B 168 10.22 -2.87 -0.87
C ILE B 168 11.41 -2.95 0.05
N VAL B 169 12.52 -3.43 -0.52
CA VAL B 169 13.75 -3.65 0.26
C VAL B 169 14.90 -2.91 -0.37
N VAL B 170 15.89 -2.63 0.47
CA VAL B 170 17.07 -1.90 0.02
C VAL B 170 18.01 -2.76 -0.83
N SER B 171 18.73 -2.11 -1.74
CA SER B 171 19.73 -2.78 -2.56
C SER B 171 20.62 -3.70 -1.69
N GLY B 172 20.86 -4.86 -2.26
CA GLY B 172 21.65 -5.90 -1.62
C GLY B 172 20.83 -6.96 -0.90
N THR B 173 19.53 -6.75 -0.72
CA THR B 173 18.69 -7.73 0.00
C THR B 173 18.48 -8.93 -0.89
N PRO B 174 18.81 -10.14 -0.41
CA PRO B 174 18.52 -11.32 -1.21
C PRO B 174 17.01 -11.53 -1.43
N ILE B 175 16.67 -12.05 -2.59
CA ILE B 175 15.26 -12.24 -2.97
C ILE B 175 15.03 -13.72 -3.14
N ARG B 176 14.17 -14.32 -2.32
CA ARG B 176 13.92 -15.76 -2.50
C ARG B 176 12.94 -16.03 -3.63
N ARG B 177 13.27 -16.95 -4.52
CA ARG B 177 12.36 -17.37 -5.55
C ARG B 177 11.03 -17.77 -4.90
N PRO B 178 9.91 -17.20 -5.33
CA PRO B 178 8.64 -17.43 -4.61
C PRO B 178 7.97 -18.74 -5.01
N MET B 179 7.35 -19.32 -4.00
CA MET B 179 6.32 -20.32 -4.23
C MET B 179 5.00 -19.67 -4.52
N GLY B 180 4.14 -20.40 -5.20
CA GLY B 180 2.77 -19.93 -5.39
C GLY B 180 2.01 -20.86 -6.25
N GLN B 181 0.90 -20.36 -6.78
CA GLN B 181 0.02 -21.10 -7.63
C GLN B 181 0.19 -20.72 -9.09
N MET B 182 0.17 -21.69 -9.99
CA MET B 182 0.36 -21.36 -11.39
C MET B 182 -0.38 -22.39 -12.24
N ARG B 183 -0.58 -22.08 -13.49
CA ARG B 183 -1.33 -22.98 -14.33
C ARG B 183 -0.56 -23.20 -15.62
N PRO B 184 0.46 -24.06 -15.56
CA PRO B 184 1.34 -24.28 -16.70
C PRO B 184 0.68 -25.10 -17.80
N ASP B 185 -0.35 -25.86 -17.45
CA ASP B 185 -1.10 -26.73 -18.35
C ASP B 185 -2.56 -26.26 -18.29
N ASN B 186 -3.02 -25.63 -19.36
CA ASN B 186 -4.40 -25.16 -19.49
C ASN B 186 -5.51 -26.25 -19.39
N SER B 187 -5.11 -27.52 -19.50
CA SER B 187 -6.07 -28.61 -19.47
C SER B 187 -6.11 -29.27 -18.10
N LYS B 188 -5.33 -28.73 -17.16
CA LYS B 188 -5.22 -29.34 -15.85
C LYS B 188 -5.52 -28.29 -14.77
N PRO B 189 -5.86 -28.70 -13.54
CA PRO B 189 -5.99 -27.75 -12.44
C PRO B 189 -4.65 -27.05 -12.24
N PRO B 190 -4.66 -25.91 -11.55
CA PRO B 190 -3.42 -25.26 -11.24
C PRO B 190 -2.61 -26.08 -10.26
N VAL B 191 -1.33 -25.76 -10.19
CA VAL B 191 -0.43 -26.45 -9.30
C VAL B 191 0.19 -25.45 -8.33
N TYR B 192 0.75 -25.95 -7.25
CA TYR B 192 1.49 -25.19 -6.28
C TYR B 192 2.96 -25.58 -6.42
N GLY B 193 3.87 -24.62 -6.53
CA GLY B 193 5.29 -24.96 -6.64
C GLY B 193 6.12 -23.69 -6.77
N ALA B 194 7.43 -23.85 -6.96
CA ALA B 194 8.32 -22.73 -7.23
C ALA B 194 8.09 -22.09 -8.56
N CYS B 195 8.12 -20.75 -8.54
CA CYS B 195 8.04 -20.02 -9.77
C CYS B 195 9.10 -20.48 -10.79
N ARG B 196 8.70 -20.59 -12.03
CA ARG B 196 9.54 -21.05 -13.13
C ARG B 196 9.94 -19.92 -14.07
N LEU B 197 9.29 -18.74 -13.97
CA LEU B 197 9.53 -17.62 -14.87
C LEU B 197 9.86 -16.42 -13.98
N LEU B 198 10.99 -16.42 -13.32
CA LEU B 198 11.38 -15.36 -12.38
C LEU B 198 12.08 -14.25 -13.13
N ASP B 199 11.63 -13.02 -12.94
CA ASP B 199 12.01 -11.90 -13.81
C ASP B 199 12.38 -10.68 -13.01
N MET B 200 13.14 -9.80 -13.65
CA MET B 200 13.40 -8.47 -13.11
C MET B 200 12.65 -7.44 -13.99
N GLU B 201 12.51 -6.22 -13.46
CA GLU B 201 11.98 -5.11 -14.27
C GLU B 201 12.77 -3.87 -13.94
N LEU B 202 13.37 -3.29 -14.98
CA LEU B 202 14.08 -2.00 -14.84
C LEU B 202 13.10 -0.86 -14.70
N GLU B 203 13.12 -0.21 -13.54
CA GLU B 203 12.27 1.00 -13.34
C GLU B 203 13.06 2.08 -12.63
N MET B 204 12.48 3.29 -12.56
CA MET B 204 12.91 4.31 -11.63
C MET B 204 11.72 4.69 -10.87
N ALA B 205 11.92 5.40 -9.77
CA ALA B 205 10.77 5.78 -8.95
C ALA B 205 11.10 7.08 -8.25
N PHE B 206 10.08 7.85 -7.93
CA PHE B 206 10.25 9.07 -7.16
C PHE B 206 9.55 9.02 -5.82
N PHE B 207 10.10 9.75 -4.85
CA PHE B 207 9.48 9.93 -3.56
C PHE B 207 8.70 11.22 -3.49
N VAL B 208 7.52 11.14 -2.88
CA VAL B 208 6.65 12.31 -2.67
C VAL B 208 7.18 13.13 -1.51
N GLY B 209 7.10 14.44 -1.75
CA GLY B 209 7.40 15.44 -0.73
C GLY B 209 6.20 15.79 0.13
N PRO B 210 5.79 17.06 0.24
CA PRO B 210 4.58 17.37 0.99
C PRO B 210 3.40 16.61 0.41
N GLY B 211 2.48 16.18 1.24
CA GLY B 211 1.36 15.52 0.58
C GLY B 211 0.33 16.51 0.03
N ASN B 212 -0.81 15.96 -0.36
CA ASN B 212 -2.06 16.71 -0.50
C ASN B 212 -3.07 16.24 0.53
N ARG B 213 -3.97 17.14 0.91
CA ARG B 213 -5.04 16.74 1.85
C ARG B 213 -6.03 15.74 1.20
N PHE B 214 -6.54 14.85 2.01
CA PHE B 214 -7.61 13.91 1.59
C PHE B 214 -8.77 14.70 0.94
N GLY B 215 -9.09 14.36 -0.28
CA GLY B 215 -10.14 15.05 -1.01
C GLY B 215 -9.71 16.21 -1.89
N GLU B 216 -8.43 16.56 -1.89
CA GLU B 216 -7.93 17.76 -2.57
C GLU B 216 -6.89 17.39 -3.63
N PRO B 217 -7.25 17.40 -4.92
CA PRO B 217 -6.31 17.10 -6.00
C PRO B 217 -5.10 17.99 -6.03
N ILE B 218 -4.02 17.48 -6.58
CA ILE B 218 -2.86 18.33 -6.89
C ILE B 218 -2.95 18.77 -8.34
N PRO B 219 -3.15 20.05 -8.64
CA PRO B 219 -3.18 20.45 -10.06
C PRO B 219 -1.82 20.27 -10.71
N ILE B 220 -1.82 19.99 -12.01
CA ILE B 220 -0.57 19.70 -12.68
C ILE B 220 0.49 20.82 -12.61
N SER B 221 0.04 22.08 -12.54
CA SER B 221 0.96 23.20 -12.43
C SER B 221 1.75 23.19 -11.10
N LYS B 222 1.23 22.46 -10.10
CA LYS B 222 1.89 22.37 -8.81
C LYS B 222 2.54 21.00 -8.58
N ALA B 223 2.42 20.11 -9.56
CA ALA B 223 2.91 18.74 -9.30
C ALA B 223 4.41 18.73 -9.00
N HIS B 224 5.16 19.60 -9.68
CA HIS B 224 6.61 19.65 -9.49
C HIS B 224 6.98 19.96 -8.03
N GLU B 225 6.09 20.60 -7.29
CA GLU B 225 6.39 20.98 -5.90
C GLU B 225 6.38 19.77 -4.95
N HIS B 226 5.88 18.63 -5.45
CA HIS B 226 5.68 17.46 -4.58
C HIS B 226 6.63 16.34 -4.90
N ILE B 227 7.59 16.53 -5.77
CA ILE B 227 8.49 15.46 -6.15
C ILE B 227 9.84 15.74 -5.54
N PHE B 228 10.21 14.89 -4.61
CA PHE B 228 11.47 15.10 -3.89
C PHE B 228 12.69 14.67 -4.67
N GLY B 229 12.67 13.47 -5.24
CA GLY B 229 13.89 12.90 -5.82
C GLY B 229 13.66 11.47 -6.20
N MET B 230 14.67 10.84 -6.80
CA MET B 230 14.52 9.57 -7.49
C MET B 230 15.49 8.52 -7.01
N VAL B 231 15.03 7.30 -7.17
CA VAL B 231 15.89 6.10 -7.02
C VAL B 231 15.71 5.13 -8.20
N LEU B 232 16.58 4.11 -8.32
CA LEU B 232 16.40 3.00 -9.21
C LEU B 232 15.56 1.94 -8.56
N MET B 233 14.81 1.18 -9.38
CA MET B 233 13.99 0.11 -8.78
C MET B 233 13.96 -1.10 -9.66
N ASN B 234 14.02 -2.28 -9.04
CA ASN B 234 13.83 -3.56 -9.73
C ASN B 234 12.53 -4.17 -9.22
N ASP B 235 11.50 -4.17 -10.08
CA ASP B 235 10.21 -4.77 -9.73
C ASP B 235 10.24 -6.25 -10.04
N TRP B 236 10.85 -7.02 -9.11
CA TRP B 236 10.96 -8.47 -9.32
C TRP B 236 9.56 -9.05 -9.58
N SER B 237 9.46 -9.97 -10.54
CA SER B 237 8.18 -10.45 -11.00
C SER B 237 8.21 -11.96 -11.20
N ALA B 238 7.11 -12.63 -10.89
CA ALA B 238 6.97 -14.09 -11.08
C ALA B 238 5.94 -14.25 -12.16
N ARG B 239 6.33 -14.42 -13.41
CA ARG B 239 5.45 -14.27 -14.56
C ARG B 239 4.41 -15.33 -14.67
N ASP B 240 4.70 -16.53 -14.16
CA ASP B 240 3.70 -17.60 -14.20
C ASP B 240 2.63 -17.37 -13.12
N ILE B 241 3.05 -17.02 -11.92
CA ILE B 241 2.10 -16.64 -10.86
C ILE B 241 1.27 -15.44 -11.35
N GLN B 242 1.92 -14.43 -11.92
CA GLN B 242 1.23 -13.24 -12.42
C GLN B 242 0.15 -13.56 -13.43
N GLN B 243 0.48 -14.35 -14.47
CA GLN B 243 -0.45 -14.57 -15.54
C GLN B 243 -1.71 -15.32 -15.07
N TRP B 244 -1.57 -16.24 -14.15
CA TRP B 244 -2.73 -16.96 -13.63
C TRP B 244 -3.61 -16.08 -12.74
N GLU B 245 -3.00 -15.19 -11.96
CA GLU B 245 -3.79 -14.50 -10.94
C GLU B 245 -4.47 -13.22 -11.43
N TYR B 246 -3.97 -12.58 -12.47
CA TYR B 246 -4.18 -11.13 -12.64
C TYR B 246 -5.49 -10.67 -13.18
N VAL B 247 -6.24 -11.53 -13.84
CA VAL B 247 -7.54 -11.10 -14.34
C VAL B 247 -8.61 -11.38 -13.25
N PRO B 248 -9.45 -10.41 -12.89
CA PRO B 248 -9.50 -9.06 -13.44
C PRO B 248 -8.89 -7.97 -12.53
N LEU B 249 -8.33 -8.30 -11.38
CA LEU B 249 -8.00 -7.26 -10.41
C LEU B 249 -6.54 -6.86 -10.38
N GLY B 250 -5.72 -7.47 -11.26
CA GLY B 250 -4.38 -6.95 -11.44
C GLY B 250 -3.27 -7.78 -10.87
N PRO B 251 -2.04 -7.38 -11.13
CA PRO B 251 -0.89 -8.15 -10.58
C PRO B 251 -0.87 -8.05 -9.07
N PHE B 252 -0.50 -9.12 -8.41
CA PHE B 252 -0.68 -9.25 -6.96
C PHE B 252 0.54 -9.99 -6.39
N LEU B 253 0.42 -11.31 -6.18
CA LEU B 253 1.51 -12.13 -5.68
C LEU B 253 2.63 -12.25 -6.73
N GLY B 254 2.32 -11.99 -7.97
CA GLY B 254 3.37 -12.02 -9.00
C GLY B 254 4.34 -10.86 -8.84
N LYS B 255 4.03 -9.88 -7.97
CA LYS B 255 4.90 -8.71 -7.75
C LYS B 255 5.34 -8.54 -6.33
N SER B 256 4.56 -9.05 -5.37
CA SER B 256 4.69 -8.57 -4.00
C SER B 256 5.70 -9.33 -3.15
N PHE B 257 6.37 -10.32 -3.76
CA PHE B 257 7.42 -11.06 -3.01
C PHE B 257 8.70 -10.27 -2.89
N GLY B 258 8.83 -9.16 -3.64
CA GLY B 258 10.03 -8.33 -3.48
C GLY B 258 10.13 -7.29 -4.58
N THR B 259 10.55 -6.11 -4.14
CA THR B 259 10.83 -5.01 -5.06
C THR B 259 12.01 -4.29 -4.43
N THR B 260 13.09 -4.08 -5.20
CA THR B 260 14.29 -3.50 -4.61
C THR B 260 14.44 -2.05 -5.09
N ILE B 261 14.89 -1.19 -4.17
CA ILE B 261 15.30 0.15 -4.57
C ILE B 261 16.71 0.43 -4.17
N SER B 262 17.35 1.30 -4.96
CA SER B 262 18.67 1.83 -4.54
C SER B 262 18.47 2.80 -3.37
N PRO B 263 19.48 2.92 -2.50
CA PRO B 263 19.33 3.72 -1.28
C PRO B 263 19.56 5.23 -1.35
N TRP B 264 20.30 5.71 -2.34
CA TRP B 264 20.64 7.13 -2.40
C TRP B 264 19.57 7.89 -3.24
N VAL B 265 18.86 8.78 -2.56
CA VAL B 265 17.76 9.53 -3.22
C VAL B 265 18.36 10.77 -3.89
N VAL B 266 18.39 10.73 -5.21
CA VAL B 266 18.96 11.86 -5.98
C VAL B 266 17.89 12.96 -6.09
N PRO B 267 18.14 14.15 -5.54
CA PRO B 267 17.10 15.18 -5.54
C PRO B 267 16.81 15.69 -6.94
N MET B 268 15.56 16.14 -7.17
CA MET B 268 15.25 16.64 -8.51
C MET B 268 16.14 17.79 -8.97
N ASP B 269 16.59 18.62 -8.00
CA ASP B 269 17.45 19.72 -8.44
C ASP B 269 18.74 19.23 -9.09
N ALA B 270 19.23 18.07 -8.65
CA ALA B 270 20.40 17.48 -9.24
C ALA B 270 20.18 16.96 -10.67
N LEU B 271 18.93 16.61 -11.00
CA LEU B 271 18.56 16.02 -12.28
C LEU B 271 18.11 17.08 -13.31
N MET B 272 17.74 18.27 -12.82
CA MET B 272 17.24 19.28 -13.74
C MET B 272 18.20 19.67 -14.87
N PRO B 273 19.52 19.64 -14.68
CA PRO B 273 20.40 19.86 -15.84
C PRO B 273 20.28 18.88 -16.95
N PHE B 274 19.61 17.77 -16.69
CA PHE B 274 19.47 16.71 -17.66
C PHE B 274 18.07 16.58 -18.19
N VAL B 275 17.24 17.59 -17.91
CA VAL B 275 15.85 17.61 -18.38
C VAL B 275 15.85 17.88 -19.90
N VAL B 276 14.85 17.35 -20.59
CA VAL B 276 14.68 17.49 -22.03
C VAL B 276 13.20 17.74 -22.27
N PRO B 277 12.82 18.25 -23.44
CA PRO B 277 11.41 18.41 -23.74
C PRO B 277 10.67 17.08 -23.66
N ASN B 278 9.41 17.17 -23.25
CA ASN B 278 8.58 15.98 -23.15
C ASN B 278 8.19 15.40 -24.51
N PRO B 279 8.09 14.09 -24.61
CA PRO B 279 7.65 13.44 -25.85
C PRO B 279 6.29 13.96 -26.26
N LYS B 280 6.09 14.01 -27.58
CA LYS B 280 4.80 14.43 -28.06
C LYS B 280 3.77 13.34 -27.75
N GLN B 281 2.62 13.80 -27.27
CA GLN B 281 1.54 12.81 -27.05
C GLN B 281 0.44 13.01 -28.06
N ASP B 282 0.03 11.91 -28.66
CA ASP B 282 -1.04 11.90 -29.63
C ASP B 282 -1.79 10.60 -29.42
N PRO B 283 -3.06 10.63 -29.01
CA PRO B 283 -3.88 11.84 -28.83
C PRO B 283 -3.42 12.79 -27.72
N LYS B 284 -3.80 14.05 -27.83
CA LYS B 284 -3.53 15.02 -26.83
C LYS B 284 -4.28 14.60 -25.56
N PRO B 285 -3.63 14.68 -24.41
CA PRO B 285 -4.35 14.34 -23.19
C PRO B 285 -5.37 15.40 -22.83
N LEU B 286 -6.31 15.01 -22.00
CA LEU B 286 -7.27 15.94 -21.37
C LEU B 286 -6.52 17.08 -20.65
N PRO B 287 -7.13 18.25 -20.53
CA PRO B 287 -6.47 19.41 -19.91
C PRO B 287 -5.84 19.18 -18.54
N TYR B 288 -6.44 18.34 -17.70
CA TYR B 288 -5.89 18.18 -16.33
C TYR B 288 -4.49 17.49 -16.41
N LEU B 289 -4.17 16.84 -17.55
CA LEU B 289 -2.87 16.16 -17.74
C LEU B 289 -1.94 16.93 -18.65
N CYS B 290 -2.30 18.17 -18.99
CA CYS B 290 -1.55 18.93 -19.96
C CYS B 290 -0.68 19.94 -19.28
N HIS B 291 0.63 19.83 -19.54
CA HIS B 291 1.64 20.71 -18.95
C HIS B 291 2.77 20.98 -19.91
N SER B 292 3.17 22.24 -20.01
CA SER B 292 4.31 22.59 -20.89
C SER B 292 5.72 22.37 -20.25
N GLN B 293 5.80 22.40 -18.94
CA GLN B 293 7.10 22.32 -18.23
C GLN B 293 7.86 21.03 -18.64
N PRO B 294 9.09 21.15 -19.15
CA PRO B 294 9.91 19.97 -19.46
C PRO B 294 10.09 19.17 -18.17
N TYR B 295 9.86 17.85 -18.27
CA TYR B 295 10.00 16.98 -17.09
C TYR B 295 10.29 15.59 -17.55
N THR B 296 11.10 15.43 -18.60
CA THR B 296 11.62 14.19 -19.11
C THR B 296 13.11 14.25 -18.92
N PHE B 297 13.76 13.15 -18.52
CA PHE B 297 15.17 13.22 -18.09
C PHE B 297 16.01 12.23 -18.84
N ASP B 298 17.18 12.69 -19.30
CA ASP B 298 18.15 11.85 -19.97
C ASP B 298 19.02 11.15 -18.94
N ILE B 299 18.58 9.91 -18.60
CA ILE B 299 19.25 9.08 -17.57
C ILE B 299 19.57 7.75 -18.22
N ASN B 300 20.84 7.48 -18.43
CA ASN B 300 21.29 6.24 -19.01
C ASN B 300 21.21 5.14 -17.99
N LEU B 301 20.49 4.07 -18.35
CA LEU B 301 20.24 2.96 -17.41
C LEU B 301 20.86 1.69 -17.97
N SER B 302 21.37 0.83 -17.07
CA SER B 302 22.00 -0.43 -17.47
C SER B 302 21.58 -1.52 -16.50
N VAL B 303 21.41 -2.73 -17.03
CA VAL B 303 21.12 -3.91 -16.18
C VAL B 303 22.16 -4.97 -16.45
N SER B 304 22.81 -5.44 -15.40
CA SER B 304 23.70 -6.59 -15.55
C SER B 304 23.16 -7.79 -14.81
N LEU B 305 23.60 -8.95 -15.30
CA LEU B 305 23.25 -10.27 -14.72
C LEU B 305 24.56 -11.06 -14.54
N LYS B 306 24.75 -11.59 -13.33
CA LYS B 306 25.94 -12.41 -13.07
C LYS B 306 25.45 -13.71 -12.41
N GLY B 307 25.67 -14.82 -13.10
CA GLY B 307 25.35 -16.14 -12.58
C GLY B 307 26.32 -16.57 -11.49
N GLU B 308 25.93 -17.59 -10.74
CA GLU B 308 26.69 -17.96 -9.55
C GLU B 308 28.06 -18.48 -9.94
N GLY B 309 28.22 -18.90 -11.19
CA GLY B 309 29.53 -19.36 -11.67
C GLY B 309 30.39 -18.33 -12.38
N MET B 310 29.86 -17.14 -12.63
CA MET B 310 30.50 -16.17 -13.52
C MET B 310 31.43 -15.23 -12.76
N SER B 311 32.46 -14.76 -13.49
CA SER B 311 33.38 -13.74 -12.99
C SER B 311 33.08 -12.37 -13.56
N GLN B 312 32.44 -12.34 -14.74
CA GLN B 312 32.05 -11.09 -15.37
C GLN B 312 30.54 -11.07 -15.46
N ALA B 313 29.95 -9.98 -14.98
CA ALA B 313 28.52 -9.74 -15.16
C ALA B 313 28.26 -9.31 -16.59
N ALA B 314 27.20 -9.83 -17.16
CA ALA B 314 26.81 -9.51 -18.51
C ALA B 314 25.81 -8.36 -18.53
N THR B 315 26.04 -7.38 -19.39
CA THR B 315 25.04 -6.31 -19.52
C THR B 315 23.95 -6.76 -20.45
N ILE B 316 22.72 -6.90 -19.94
CA ILE B 316 21.62 -7.45 -20.73
C ILE B 316 20.62 -6.41 -21.24
N CYS B 317 20.70 -5.17 -20.71
CA CYS B 317 19.76 -4.11 -21.14
C CYS B 317 20.51 -2.81 -21.01
N ARG B 318 20.40 -1.94 -22.03
CA ARG B 318 20.79 -0.54 -21.90
C ARG B 318 19.61 0.28 -22.38
N SER B 319 19.11 1.16 -21.51
CA SER B 319 17.90 1.89 -21.83
C SER B 319 18.04 3.29 -21.25
N ASN B 320 16.99 4.07 -21.26
CA ASN B 320 17.08 5.48 -20.85
C ASN B 320 15.71 5.91 -20.39
N PHE B 321 15.67 6.59 -19.29
CA PHE B 321 14.44 7.11 -18.74
C PHE B 321 13.71 8.06 -19.72
N LYS B 322 14.41 8.62 -20.69
CA LYS B 322 13.80 9.59 -21.60
C LYS B 322 12.83 8.93 -22.55
N HIS B 323 12.79 7.60 -22.57
CA HIS B 323 11.83 6.83 -23.39
C HIS B 323 10.38 6.84 -22.90
N MET B 324 10.15 7.24 -21.65
CA MET B 324 8.81 7.10 -21.10
C MET B 324 7.83 8.08 -21.72
N TYR B 325 6.59 7.63 -21.83
CA TYR B 325 5.55 8.35 -22.56
C TYR B 325 4.81 9.34 -21.68
N TRP B 326 4.65 9.00 -20.42
CA TRP B 326 3.93 9.84 -19.45
C TRP B 326 4.96 10.36 -18.46
N THR B 327 4.92 11.62 -18.10
CA THR B 327 5.88 12.18 -17.15
C THR B 327 5.51 11.99 -15.69
N MET B 328 6.48 12.16 -14.81
CA MET B 328 6.16 12.11 -13.37
C MET B 328 5.09 13.10 -12.99
N LEU B 329 5.10 14.28 -13.62
CA LEU B 329 4.07 15.26 -13.30
C LEU B 329 2.68 14.71 -13.63
N GLN B 330 2.54 14.10 -14.80
CA GLN B 330 1.29 13.49 -15.19
C GLN B 330 0.90 12.35 -14.23
N GLN B 331 1.88 11.51 -13.88
CA GLN B 331 1.62 10.37 -12.97
C GLN B 331 1.12 10.91 -11.62
N LEU B 332 1.77 11.95 -11.05
CA LEU B 332 1.40 12.43 -9.71
C LEU B 332 0.02 13.10 -9.80
N THR B 333 -0.19 13.85 -10.87
CA THR B 333 -1.48 14.56 -11.05
C THR B 333 -2.62 13.56 -11.15
N HIS B 334 -2.42 12.56 -12.02
CA HIS B 334 -3.44 11.52 -12.20
C HIS B 334 -3.67 10.81 -10.86
N HIS B 335 -2.58 10.48 -10.14
CA HIS B 335 -2.75 9.75 -8.86
C HIS B 335 -3.61 10.48 -7.82
N SER B 336 -3.67 11.81 -7.91
CA SER B 336 -4.39 12.65 -6.92
C SER B 336 -5.68 13.25 -7.53
N VAL B 337 -5.98 12.98 -8.80
CA VAL B 337 -7.11 13.70 -9.41
C VAL B 337 -8.45 13.41 -8.70
N ASN B 338 -8.55 12.22 -8.10
CA ASN B 338 -9.78 11.80 -7.44
C ASN B 338 -9.81 12.18 -5.97
N GLY B 339 -8.80 12.91 -5.51
CA GLY B 339 -8.73 13.24 -4.09
C GLY B 339 -7.88 12.33 -3.20
N CYS B 340 -7.32 11.29 -3.82
CA CYS B 340 -6.39 10.42 -3.08
C CYS B 340 -5.27 11.27 -2.51
N ASN B 341 -4.96 11.02 -1.25
CA ASN B 341 -3.95 11.77 -0.49
C ASN B 341 -2.57 11.14 -0.53
N LEU B 342 -1.72 11.64 -1.41
CA LEU B 342 -0.28 11.26 -1.41
C LEU B 342 0.38 11.79 -0.15
N ARG B 343 1.30 11.03 0.43
CA ARG B 343 1.93 11.43 1.68
C ARG B 343 3.46 11.41 1.53
N PRO B 344 4.18 12.19 2.36
CA PRO B 344 5.64 12.20 2.25
C PRO B 344 6.22 10.81 2.36
N GLY B 345 7.16 10.50 1.49
CA GLY B 345 7.78 9.16 1.48
C GLY B 345 7.06 8.10 0.64
N ASP B 346 5.86 8.44 0.09
CA ASP B 346 5.25 7.52 -0.84
C ASP B 346 6.16 7.35 -2.06
N LEU B 347 6.09 6.20 -2.72
CA LEU B 347 6.97 5.87 -3.83
C LEU B 347 6.13 5.63 -5.05
N LEU B 348 6.39 6.37 -6.13
CA LEU B 348 5.65 6.23 -7.36
C LEU B 348 6.66 5.79 -8.41
N ALA B 349 6.52 4.57 -8.94
CA ALA B 349 7.50 4.04 -9.90
C ALA B 349 7.06 4.22 -11.30
N SER B 350 8.01 4.26 -12.23
CA SER B 350 7.75 4.73 -13.59
C SER B 350 6.98 3.75 -14.46
N GLY B 351 7.11 2.46 -14.11
CA GLY B 351 6.89 1.37 -15.04
C GLY B 351 8.22 0.89 -15.60
N THR B 352 8.22 -0.30 -16.19
CA THR B 352 9.40 -0.88 -16.84
C THR B 352 9.86 -0.04 -18.01
N ILE B 353 11.16 0.29 -18.03
CA ILE B 353 11.67 1.34 -18.97
C ILE B 353 12.19 0.65 -20.22
N SER B 354 11.28 0.30 -21.15
CA SER B 354 11.67 -0.28 -22.43
C SER B 354 11.64 0.80 -23.50
N GLY B 355 12.69 0.83 -24.31
CA GLY B 355 12.69 1.63 -25.53
C GLY B 355 12.20 0.75 -26.67
N SER B 356 12.24 1.30 -27.88
CA SER B 356 11.83 0.52 -29.06
C SER B 356 12.91 -0.49 -29.53
N ASP B 357 14.18 -0.19 -29.27
CA ASP B 357 15.29 -1.07 -29.64
C ASP B 357 15.23 -2.29 -28.69
N PRO B 358 15.21 -3.53 -29.21
CA PRO B 358 15.22 -4.70 -28.33
C PRO B 358 16.36 -4.75 -27.33
N GLU B 359 17.47 -4.07 -27.60
CA GLU B 359 18.57 -4.04 -26.64
C GLU B 359 18.23 -3.19 -25.39
N SER B 360 17.11 -2.43 -25.48
CA SER B 360 16.63 -1.57 -24.41
C SER B 360 15.38 -2.10 -23.73
N PHE B 361 15.00 -3.34 -24.00
CA PHE B 361 13.82 -3.86 -23.29
C PHE B 361 14.15 -4.12 -21.84
N GLY B 362 13.25 -3.71 -20.94
CA GLY B 362 13.59 -3.64 -19.53
C GLY B 362 13.22 -4.81 -18.64
N SER B 363 12.88 -5.98 -19.22
CA SER B 363 12.58 -7.18 -18.44
C SER B 363 13.08 -8.37 -19.25
N MET B 364 13.31 -9.45 -18.52
CA MET B 364 13.70 -10.72 -19.22
C MET B 364 12.50 -11.34 -19.91
N LEU B 365 11.27 -11.04 -19.45
CA LEU B 365 10.11 -11.44 -20.21
C LEU B 365 10.21 -10.91 -21.62
N GLU B 366 10.57 -9.64 -21.73
CA GLU B 366 10.78 -9.05 -23.05
C GLU B 366 12.05 -9.47 -23.78
N LEU B 367 13.19 -9.44 -23.09
CA LEU B 367 14.47 -9.79 -23.75
C LEU B 367 14.47 -11.22 -24.22
N SER B 368 13.84 -12.13 -23.48
CA SER B 368 13.72 -13.53 -23.95
C SER B 368 12.46 -13.81 -24.75
N TRP B 369 11.62 -12.79 -24.93
CA TRP B 369 10.31 -12.91 -25.57
C TRP B 369 9.53 -14.12 -25.03
N LYS B 370 9.31 -14.11 -23.72
CA LYS B 370 8.61 -15.17 -22.98
C LYS B 370 9.27 -16.53 -23.21
N GLY B 371 10.59 -16.54 -23.13
CA GLY B 371 11.32 -17.82 -23.14
C GLY B 371 11.52 -18.37 -24.54
N THR B 372 11.20 -17.60 -25.59
CA THR B 372 11.36 -18.13 -26.95
C THR B 372 12.70 -17.72 -27.59
N LYS B 373 13.42 -16.81 -26.97
CA LYS B 373 14.73 -16.36 -27.44
C LYS B 373 15.74 -16.44 -26.31
N ALA B 374 16.94 -16.93 -26.60
CA ALA B 374 18.01 -16.91 -25.61
C ALA B 374 18.61 -15.53 -25.42
N ILE B 375 18.90 -15.18 -24.17
CA ILE B 375 19.67 -13.99 -23.85
C ILE B 375 21.12 -14.40 -23.66
N ASP B 376 22.03 -13.71 -24.37
CA ASP B 376 23.47 -13.96 -24.29
C ASP B 376 23.98 -13.36 -23.01
N VAL B 377 24.53 -14.20 -22.13
CA VAL B 377 25.11 -13.73 -20.90
C VAL B 377 26.59 -14.04 -20.75
N GLY B 378 27.26 -14.27 -21.88
CA GLY B 378 28.70 -14.53 -21.85
C GLY B 378 29.04 -15.86 -22.50
N GLN B 379 30.32 -16.11 -22.74
CA GLN B 379 30.73 -17.25 -23.57
C GLN B 379 30.02 -18.55 -23.33
N GLY B 380 29.14 -18.88 -24.29
CA GLY B 380 28.39 -20.10 -24.24
C GLY B 380 27.09 -19.98 -23.45
N GLN B 381 27.01 -19.02 -22.52
CA GLN B 381 26.02 -19.07 -21.43
C GLN B 381 24.79 -18.26 -21.88
N THR B 382 23.60 -18.76 -21.55
CA THR B 382 22.34 -18.06 -21.92
C THR B 382 21.38 -18.07 -20.74
N ARG B 383 20.38 -17.19 -20.89
CA ARG B 383 19.23 -17.17 -19.98
C ARG B 383 17.96 -16.99 -20.79
N THR B 384 16.87 -17.48 -20.22
CA THR B 384 15.55 -16.96 -20.59
C THR B 384 15.10 -16.14 -19.34
N PHE B 385 14.81 -16.82 -18.25
CA PHE B 385 14.50 -16.21 -16.98
C PHE B 385 15.60 -16.35 -15.93
N LEU B 386 15.45 -15.79 -14.74
CA LEU B 386 16.51 -15.84 -13.75
C LEU B 386 16.67 -17.21 -13.14
N LEU B 387 17.93 -17.58 -12.93
CA LEU B 387 18.26 -18.83 -12.24
C LEU B 387 18.64 -18.55 -10.79
N ASP B 388 18.52 -19.54 -9.90
CA ASP B 388 19.00 -19.41 -8.54
C ASP B 388 20.49 -19.01 -8.57
N GLY B 389 20.84 -18.08 -7.72
CA GLY B 389 22.19 -17.58 -7.59
C GLY B 389 22.50 -16.43 -8.53
N ASP B 390 21.61 -16.14 -9.50
CA ASP B 390 21.84 -14.99 -10.38
C ASP B 390 21.73 -13.66 -9.58
N GLU B 391 22.61 -12.72 -9.88
CA GLU B 391 22.56 -11.40 -9.27
C GLU B 391 22.28 -10.38 -10.36
N VAL B 392 21.25 -9.56 -10.11
CA VAL B 392 20.87 -8.52 -11.07
C VAL B 392 21.23 -7.19 -10.44
N ILE B 393 21.99 -6.40 -11.23
CA ILE B 393 22.34 -5.03 -10.78
C ILE B 393 21.90 -3.98 -11.78
N ILE B 394 21.11 -3.03 -11.29
CA ILE B 394 20.69 -1.89 -12.11
C ILE B 394 21.57 -0.69 -11.69
N THR B 395 22.05 0.03 -12.69
CA THR B 395 22.77 1.28 -12.48
C THR B 395 22.20 2.35 -13.39
N GLY B 396 22.47 3.61 -13.04
CA GLY B 396 21.98 4.73 -13.84
C GLY B 396 22.85 5.93 -13.68
N HIS B 397 23.03 6.68 -14.77
CA HIS B 397 23.83 7.92 -14.67
C HIS B 397 23.33 8.95 -15.67
N CYS B 398 23.42 10.20 -15.24
CA CYS B 398 23.32 11.36 -16.16
C CYS B 398 24.72 11.85 -16.42
N GLN B 399 25.07 12.03 -17.68
CA GLN B 399 26.43 12.40 -18.04
C GLN B 399 26.56 13.89 -18.36
N GLY B 400 27.35 14.58 -17.53
CA GLY B 400 27.69 15.97 -17.76
C GLY B 400 29.11 16.08 -18.33
N ASP B 401 29.54 17.32 -18.48
CA ASP B 401 30.92 17.59 -18.89
C ASP B 401 31.87 17.48 -17.70
N GLY B 402 32.51 16.32 -17.59
CA GLY B 402 33.47 16.14 -16.52
C GLY B 402 32.89 15.67 -15.19
N TYR B 403 31.62 15.27 -15.19
CA TYR B 403 31.00 14.72 -14.00
C TYR B 403 29.80 13.93 -14.43
N ARG B 404 29.39 13.05 -13.53
CA ARG B 404 28.10 12.33 -13.70
C ARG B 404 27.25 12.48 -12.46
N VAL B 405 25.93 12.40 -12.63
CA VAL B 405 25.06 12.24 -11.49
C VAL B 405 24.62 10.79 -11.54
N GLY B 406 25.16 9.98 -10.63
CA GLY B 406 24.88 8.53 -10.64
C GLY B 406 23.99 8.18 -9.47
N PHE B 407 23.51 6.93 -9.53
CA PHE B 407 22.49 6.46 -8.61
C PHE B 407 22.99 5.36 -7.68
N GLY B 408 24.29 4.99 -7.74
CA GLY B 408 24.73 3.81 -6.99
C GLY B 408 24.09 2.54 -7.54
N GLN B 409 23.92 1.52 -6.69
CA GLN B 409 23.45 0.24 -7.21
C GLN B 409 22.06 -0.08 -6.73
N CYS B 410 21.34 -0.80 -7.58
CA CYS B 410 20.09 -1.47 -7.20
C CYS B 410 20.29 -2.95 -7.52
N ALA B 411 20.72 -3.67 -6.48
CA ALA B 411 21.22 -5.05 -6.64
C ALA B 411 20.38 -6.04 -5.83
N GLY B 412 20.33 -7.28 -6.34
CA GLY B 412 19.73 -8.38 -5.55
C GLY B 412 20.18 -9.69 -6.18
N LYS B 413 20.37 -10.70 -5.30
CA LYS B 413 20.68 -12.07 -5.73
C LYS B 413 19.49 -12.97 -5.40
N VAL B 414 19.23 -13.88 -6.33
CA VAL B 414 18.12 -14.83 -6.23
C VAL B 414 18.52 -16.01 -5.32
N LEU B 415 17.78 -16.21 -4.23
CA LEU B 415 17.93 -17.42 -3.40
C LEU B 415 16.98 -18.52 -3.88
N PRO B 416 17.37 -19.80 -3.68
CA PRO B 416 16.46 -20.88 -4.04
C PRO B 416 15.17 -20.84 -3.27
N ALA B 417 14.12 -21.31 -3.94
CA ALA B 417 12.83 -21.43 -3.24
C ALA B 417 12.88 -22.39 -2.05
N LEU B 418 11.97 -22.20 -1.13
CA LEU B 418 11.74 -23.15 -0.04
C LEU B 418 11.50 -24.57 -0.51
NA NA C . -12.70 2.72 -1.75
MN MN D . -14.03 -3.78 -2.59
CA CA E . 0.54 0.60 1.40
NI NI F . -26.18 -2.18 17.38
NI NI G . -11.17 -24.57 -12.98
NI NI H . -27.56 -21.88 22.42
NI NI I . 3.56 3.74 35.99
NI NI J . 8.56 -10.28 26.56
O2 DHJ K . -13.98 -6.21 -12.05
C3 DHJ K . -14.49 -7.05 -11.21
O4 DHJ K . -14.74 -8.20 -11.56
C1 DHJ K . -14.80 -6.72 -9.77
C7 DHJ K . -14.54 -5.51 -9.26
P1 DHJ K . -14.83 -5.02 -7.60
O6 DHJ K . -15.16 -3.55 -7.65
O7 DHJ K . -15.77 -5.92 -6.85
C6 DHJ K . -13.20 -5.19 -6.81
C5 DHJ K . -13.35 -5.11 -5.34
O5 DHJ K . -13.44 -4.05 -4.70
C4 DHJ K . -13.38 -6.43 -4.56
C2 DHJ K . -14.64 -6.57 -3.70
O1 DHJ K . -14.96 -5.63 -2.93
O3 DHJ K . -15.31 -7.64 -3.79
NA NA L . 8.18 -6.83 -7.35
MN MN M . 6.66 -3.04 -12.61
NI NI N . 32.08 25.49 -13.60
NI NI O . -8.33 6.51 -27.82
NI NI P . 28.53 4.68 -11.56
NI NI Q . 22.43 11.70 -23.59
NI NI R . 8.73 26.67 10.06
O2 DHJ S . 0.06 -5.93 -19.00
C3 DHJ S . 0.19 -6.65 -17.96
O4 DHJ S . -0.58 -7.56 -17.77
C1 DHJ S . 1.25 -6.57 -16.88
C7 DHJ S . 2.25 -5.72 -17.00
P1 DHJ S . 3.52 -5.49 -15.86
O6 DHJ S . 4.05 -6.76 -15.22
O7 DHJ S . 4.40 -4.63 -16.65
C6 DHJ S . 2.84 -4.47 -14.53
C5 DHJ S . 3.96 -3.59 -14.05
O5 DHJ S . 4.74 -3.97 -13.17
C4 DHJ S . 4.05 -2.20 -14.67
C2 DHJ S . 5.46 -1.93 -15.21
O1 DHJ S . 6.49 -2.18 -14.54
O3 DHJ S . 5.54 -1.39 -16.34
#